data_4GN9
#
_entry.id   4GN9
#
_cell.length_a   101.863
_cell.length_b   101.863
_cell.length_c   146.826
_cell.angle_alpha   90.00
_cell.angle_beta   90.00
_cell.angle_gamma   120.00
#
_symmetry.space_group_name_H-M   'P 31 2 1'
#
loop_
_entity.id
_entity.type
_entity.pdbx_description
1 polymer Regucalcin
2 non-polymer 'CALCIUM ION'
3 non-polymer 'SULFATE ION'
4 non-polymer beta-D-glucopyranose
5 water water
#
_entity_poly.entity_id   1
_entity_poly.type   'polypeptide(L)'
_entity_poly.pdbx_seq_one_letter_code
;MSSIKVECVLRENYRCGESPVWEEASQSLLFVDIPSKIICRWDTVSNQVQRVAVDAPVSSVALRQLGGYVATIGTKFCAL
NWENQSVFVLAMVDEDKKNNRFNDGKVDPAGRYFAGTMAEETAPAVLERHQGSLYSLFPDHSVKKYFDQVDISNGLDWSL
DHKIFYYIDSLSYTVDAFDYDLQTGQISNRRIVYKMEKDEQIPDGMCIDAEGKLWVACYNGGRVIRLDPETGKRLQTVKL
PVDKTTSCCFGGKDYSEMYVTCARDGLNAEGLLRQPDAGNIFKITGLGVKGIAPYSYAG
;
_entity_poly.pdbx_strand_id   A,B
#
loop_
_chem_comp.id
_chem_comp.type
_chem_comp.name
_chem_comp.formula
BGC D-saccharide, beta linking beta-D-glucopyranose 'C6 H12 O6'
CA non-polymer 'CALCIUM ION' 'Ca 2'
SO4 non-polymer 'SULFATE ION' 'O4 S -2'
#
# COMPACT_ATOMS: atom_id res chain seq x y z
N SER A 3 -22.82 -9.68 25.84
CA SER A 3 -23.19 -9.82 24.45
C SER A 3 -22.48 -8.81 23.55
N ILE A 4 -21.35 -8.27 24.04
CA ILE A 4 -20.48 -7.49 23.19
C ILE A 4 -19.71 -8.47 22.32
N LYS A 5 -19.73 -8.27 21.00
CA LYS A 5 -18.97 -9.12 20.09
C LYS A 5 -18.04 -8.29 19.19
N VAL A 6 -16.79 -8.74 19.12
CA VAL A 6 -15.76 -8.12 18.27
C VAL A 6 -15.43 -9.06 17.12
N GLU A 7 -15.67 -8.61 15.89
CA GLU A 7 -15.43 -9.43 14.72
C GLU A 7 -14.64 -8.69 13.65
N CYS A 8 -13.72 -9.41 13.01
CA CYS A 8 -13.01 -8.87 11.86
C CYS A 8 -13.88 -9.01 10.63
N VAL A 9 -14.29 -7.88 10.04
CA VAL A 9 -15.31 -7.90 8.98
C VAL A 9 -14.81 -7.58 7.57
N LEU A 10 -13.60 -7.03 7.46
CA LEU A 10 -12.98 -6.79 6.16
C LEU A 10 -11.49 -7.08 6.23
N ARG A 11 -11.06 -8.15 5.56
CA ARG A 11 -9.68 -8.60 5.63
C ARG A 11 -8.85 -8.18 4.42
N GLU A 12 -8.49 -6.91 4.35
CA GLU A 12 -7.81 -6.39 3.19
C GLU A 12 -6.35 -6.03 3.48
N ASN A 13 -5.97 -6.18 4.75
CA ASN A 13 -4.58 -5.97 5.15
C ASN A 13 -4.02 -4.58 4.84
N TYR A 14 -4.76 -3.53 5.24
CA TYR A 14 -4.29 -2.15 5.07
C TYR A 14 -3.04 -1.88 5.88
N ARG A 15 -2.19 -1.00 5.40
CA ARG A 15 -0.99 -0.64 6.16
C ARG A 15 -1.33 0.21 7.38
N CYS A 16 -2.21 1.19 7.18
CA CYS A 16 -2.66 2.04 8.29
C CYS A 16 -4.06 2.57 7.99
N GLY A 17 -5.05 1.74 8.27
CA GLY A 17 -6.43 2.13 8.13
C GLY A 17 -6.72 3.26 9.10
N GLU A 18 -7.53 4.22 8.66
CA GLU A 18 -7.81 5.42 9.44
C GLU A 18 -9.09 6.08 8.95
N SER A 19 -9.56 7.09 9.70
CA SER A 19 -10.71 7.92 9.31
C SER A 19 -11.98 7.21 8.84
N PRO A 20 -12.48 6.24 9.63
CA PRO A 20 -13.71 5.57 9.20
C PRO A 20 -14.93 6.50 9.28
N VAL A 21 -15.75 6.52 8.23
CA VAL A 21 -17.02 7.22 8.30
C VAL A 21 -18.14 6.42 7.62
N TRP A 22 -19.30 6.40 8.27
CA TRP A 22 -20.43 5.62 7.79
C TRP A 22 -21.27 6.46 6.82
N GLU A 23 -21.48 5.93 5.62
CA GLU A 23 -22.34 6.58 4.64
C GLU A 23 -23.68 5.83 4.58
N GLU A 24 -24.67 6.31 5.32
CA GLU A 24 -25.96 5.62 5.41
C GLU A 24 -26.63 5.46 4.04
N ALA A 25 -26.48 6.47 3.20
CA ALA A 25 -27.15 6.47 1.90
C ALA A 25 -26.72 5.30 1.01
N SER A 26 -25.53 4.77 1.23
CA SER A 26 -25.07 3.63 0.44
C SER A 26 -24.79 2.39 1.28
N GLN A 27 -25.03 2.49 2.59
CA GLN A 27 -24.62 1.44 3.52
C GLN A 27 -23.14 1.08 3.32
N SER A 28 -22.31 2.11 3.10
CA SER A 28 -20.89 1.91 2.89
C SER A 28 -20.03 2.54 4.00
N LEU A 29 -18.85 1.97 4.23
CA LEU A 29 -17.88 2.56 5.11
C LEU A 29 -16.80 3.22 4.25
N LEU A 30 -16.58 4.53 4.46
CA LEU A 30 -15.46 5.19 3.84
C LEU A 30 -14.32 5.25 4.84
N PHE A 31 -13.09 5.18 4.34
CA PHE A 31 -11.94 5.25 5.22
C PHE A 31 -10.73 5.47 4.33
N VAL A 32 -9.56 5.60 4.93
CA VAL A 32 -8.33 5.72 4.15
C VAL A 32 -7.32 4.67 4.60
N ASP A 33 -6.36 4.37 3.73
CA ASP A 33 -5.14 3.67 4.14
C ASP A 33 -3.99 4.63 3.84
N ILE A 34 -3.49 5.29 4.88
CA ILE A 34 -2.66 6.49 4.72
C ILE A 34 -1.43 6.34 3.82
N PRO A 35 -0.47 5.46 4.16
CA PRO A 35 0.73 5.43 3.31
C PRO A 35 0.48 4.74 1.96
N SER A 36 -0.65 4.05 1.81
CA SER A 36 -1.00 3.40 0.55
C SER A 36 -1.67 4.38 -0.43
N LYS A 37 -1.92 5.60 0.03
CA LYS A 37 -2.42 6.67 -0.82
C LYS A 37 -3.71 6.30 -1.53
N ILE A 38 -4.63 5.66 -0.81
CA ILE A 38 -5.95 5.32 -1.35
C ILE A 38 -7.08 5.75 -0.43
N ILE A 39 -8.15 6.27 -1.02
CA ILE A 39 -9.40 6.47 -0.30
C ILE A 39 -10.26 5.25 -0.63
N CYS A 40 -10.87 4.63 0.38
CA CYS A 40 -11.61 3.39 0.17
C CYS A 40 -13.08 3.55 0.48
N ARG A 41 -13.92 2.86 -0.28
CA ARG A 41 -15.35 2.84 0.03
C ARG A 41 -15.78 1.39 0.00
N TRP A 42 -16.20 0.90 1.15
CA TRP A 42 -16.57 -0.50 1.26
C TRP A 42 -18.08 -0.64 1.36
N ASP A 43 -18.68 -1.19 0.30
CA ASP A 43 -20.11 -1.45 0.26
C ASP A 43 -20.36 -2.67 1.13
N THR A 44 -20.97 -2.47 2.29
CA THR A 44 -21.18 -3.57 3.25
C THR A 44 -22.17 -4.62 2.75
N VAL A 45 -22.95 -4.27 1.74
CA VAL A 45 -24.00 -5.17 1.24
C VAL A 45 -23.46 -6.14 0.18
N SER A 46 -22.90 -5.61 -0.90
CA SER A 46 -22.24 -6.44 -1.91
C SER A 46 -20.87 -6.93 -1.44
N ASN A 47 -20.36 -6.33 -0.36
CA ASN A 47 -19.03 -6.65 0.19
C ASN A 47 -17.88 -6.28 -0.77
N GLN A 48 -18.13 -5.34 -1.68
CA GLN A 48 -17.11 -4.91 -2.62
C GLN A 48 -16.40 -3.64 -2.12
N VAL A 49 -15.10 -3.54 -2.35
CA VAL A 49 -14.35 -2.34 -2.00
C VAL A 49 -13.89 -1.62 -3.27
N GLN A 50 -14.11 -0.31 -3.33
CA GLN A 50 -13.60 0.49 -4.42
C GLN A 50 -12.56 1.46 -3.85
N ARG A 51 -11.56 1.77 -4.66
CA ARG A 51 -10.45 2.58 -4.17
C ARG A 51 -10.14 3.70 -5.13
N VAL A 52 -9.88 4.89 -4.60
CA VAL A 52 -9.37 5.98 -5.42
C VAL A 52 -7.96 6.27 -4.97
N ALA A 53 -7.01 6.05 -5.86
CA ALA A 53 -5.60 6.37 -5.61
C ALA A 53 -5.38 7.88 -5.68
N VAL A 54 -4.56 8.40 -4.78
CA VAL A 54 -4.21 9.81 -4.78
C VAL A 54 -2.69 9.92 -4.74
N ASP A 55 -2.16 11.10 -5.02
CA ASP A 55 -0.72 11.22 -5.28
C ASP A 55 0.13 11.52 -4.05
N ALA A 56 -0.52 11.49 -2.89
CA ALA A 56 0.19 11.70 -1.64
C ALA A 56 -0.55 10.98 -0.52
N PRO A 57 0.10 10.82 0.65
CA PRO A 57 -0.62 10.18 1.76
C PRO A 57 -1.93 10.91 2.06
N VAL A 58 -2.99 10.15 2.21
CA VAL A 58 -4.32 10.72 2.44
C VAL A 58 -4.73 10.30 3.85
N SER A 59 -5.10 11.28 4.67
CA SER A 59 -5.22 11.00 6.09
C SER A 59 -6.63 10.99 6.62
N SER A 60 -7.58 11.59 5.87
CA SER A 60 -8.98 11.53 6.26
C SER A 60 -9.89 11.75 5.06
N VAL A 61 -11.13 11.29 5.21
N VAL A 61 -11.16 11.40 5.22
CA VAL A 61 -12.21 11.52 4.24
CA VAL A 61 -12.14 11.55 4.16
C VAL A 61 -13.44 12.01 4.95
C VAL A 61 -13.45 11.91 4.86
N ALA A 62 -14.31 12.69 4.21
CA ALA A 62 -15.61 13.07 4.77
C ALA A 62 -16.63 13.18 3.65
N LEU A 63 -17.90 13.11 3.99
CA LEU A 63 -18.97 13.25 3.00
C LEU A 63 -19.05 14.70 2.54
N ARG A 64 -19.41 14.91 1.28
CA ARG A 64 -19.57 16.27 0.77
C ARG A 64 -21.05 16.45 0.45
N GLN A 65 -21.70 17.41 1.10
CA GLN A 65 -23.14 17.55 1.02
C GLN A 65 -23.65 17.68 -0.41
N LEU A 66 -22.99 18.51 -1.22
CA LEU A 66 -23.49 18.75 -2.59
C LEU A 66 -23.26 17.56 -3.52
N GLY A 67 -22.45 16.61 -3.07
CA GLY A 67 -22.21 15.39 -3.83
C GLY A 67 -20.76 14.94 -3.69
N GLY A 68 -20.53 13.63 -3.64
CA GLY A 68 -19.16 13.14 -3.54
C GLY A 68 -18.55 13.32 -2.16
N TYR A 69 -17.24 13.57 -2.13
CA TYR A 69 -16.47 13.52 -0.89
C TYR A 69 -15.40 14.60 -0.86
N VAL A 70 -14.87 14.85 0.32
CA VAL A 70 -13.67 15.66 0.49
C VAL A 70 -12.65 14.82 1.27
N ALA A 71 -11.37 15.19 1.18
CA ALA A 71 -10.31 14.42 1.83
C ALA A 71 -9.16 15.35 2.10
N THR A 72 -8.28 14.94 3.02
CA THR A 72 -7.05 15.65 3.27
C THR A 72 -5.90 14.82 2.69
N ILE A 73 -5.25 15.35 1.67
CA ILE A 73 -4.20 14.65 0.91
C ILE A 73 -2.97 15.53 1.00
N GLY A 74 -1.86 14.99 1.51
CA GLY A 74 -0.69 15.83 1.78
C GLY A 74 -1.09 16.90 2.79
N THR A 75 -0.78 18.15 2.49
CA THR A 75 -1.26 19.28 3.30
C THR A 75 -2.36 20.07 2.58
N LYS A 76 -3.15 19.37 1.78
CA LYS A 76 -4.20 20.00 0.98
C LYS A 76 -5.59 19.45 1.27
N PHE A 77 -6.56 20.36 1.35
CA PHE A 77 -7.98 19.99 1.41
C PHE A 77 -8.41 19.75 -0.03
N CYS A 78 -8.95 18.56 -0.31
CA CYS A 78 -9.33 18.21 -1.66
C CYS A 78 -10.78 17.77 -1.77
N ALA A 79 -11.32 17.90 -2.98
CA ALA A 79 -12.68 17.47 -3.29
C ALA A 79 -12.62 16.34 -4.30
N LEU A 80 -13.52 15.37 -4.16
CA LEU A 80 -13.48 14.17 -4.99
C LEU A 80 -14.85 13.92 -5.63
N ASN A 81 -14.86 13.80 -6.97
CA ASN A 81 -16.02 13.28 -7.69
C ASN A 81 -15.79 11.80 -7.96
N TRP A 82 -16.59 10.95 -7.32
CA TRP A 82 -16.31 9.52 -7.33
C TRP A 82 -16.44 8.89 -8.73
N GLU A 83 -17.33 9.46 -9.53
CA GLU A 83 -17.62 8.90 -10.85
C GLU A 83 -16.43 9.05 -11.79
N ASN A 84 -16.00 10.29 -12.02
CA ASN A 84 -14.84 10.55 -12.86
C ASN A 84 -13.50 10.28 -12.13
N GLN A 85 -13.56 9.94 -10.84
CA GLN A 85 -12.38 9.86 -9.99
C GLN A 85 -11.57 11.15 -10.03
N SER A 86 -12.25 12.27 -10.23
CA SER A 86 -11.58 13.54 -10.31
C SER A 86 -11.31 14.04 -8.89
N VAL A 87 -10.07 14.41 -8.61
N VAL A 87 -10.08 14.45 -8.65
CA VAL A 87 -9.80 15.05 -7.34
CA VAL A 87 -9.66 15.00 -7.36
C VAL A 87 -9.06 16.36 -7.57
C VAL A 87 -9.03 16.37 -7.58
N PHE A 88 -9.55 17.40 -6.92
CA PHE A 88 -8.97 18.74 -7.07
C PHE A 88 -8.84 19.47 -5.74
N VAL A 89 -7.95 20.44 -5.70
CA VAL A 89 -7.58 21.13 -4.48
C VAL A 89 -8.55 22.27 -4.17
N LEU A 90 -9.09 22.29 -2.95
CA LEU A 90 -9.92 23.41 -2.49
C LEU A 90 -9.09 24.44 -1.72
N ALA A 91 -8.06 23.98 -1.01
CA ALA A 91 -7.24 24.86 -0.20
C ALA A 91 -5.97 24.14 0.27
N MET A 92 -4.92 24.91 0.52
CA MET A 92 -3.63 24.38 0.98
C MET A 92 -3.19 25.03 2.31
N VAL A 93 -2.58 24.24 3.18
CA VAL A 93 -2.06 24.77 4.45
C VAL A 93 -0.60 24.38 4.64
N ASP A 94 0.03 24.91 5.68
CA ASP A 94 1.41 24.57 6.02
C ASP A 94 2.38 24.67 4.82
N GLU A 95 2.14 25.61 3.91
CA GLU A 95 3.04 25.81 2.77
C GLU A 95 4.37 26.29 3.32
N ASP A 96 4.26 26.81 4.53
CA ASP A 96 5.33 27.11 5.46
C ASP A 96 6.31 25.95 5.70
N LYS A 97 5.82 24.71 5.64
CA LYS A 97 6.58 23.58 6.19
C LYS A 97 7.15 22.66 5.13
N LYS A 98 8.39 22.22 5.36
CA LYS A 98 9.10 21.38 4.40
C LYS A 98 8.57 19.94 4.34
N ASN A 99 7.99 19.45 5.44
CA ASN A 99 7.63 18.04 5.50
C ASN A 99 6.47 17.70 6.45
N ASN A 100 5.36 18.40 6.28
CA ASN A 100 4.16 18.15 7.07
C ASN A 100 3.13 17.40 6.25
N ARG A 101 2.11 16.88 6.92
CA ARG A 101 0.94 16.34 6.24
C ARG A 101 -0.26 16.54 7.15
N PHE A 102 -1.47 16.48 6.60
CA PHE A 102 -2.65 16.44 7.43
C PHE A 102 -2.68 15.11 8.17
N ASN A 103 -3.36 15.07 9.31
CA ASN A 103 -3.75 13.80 9.91
C ASN A 103 -5.28 13.68 10.04
N ASP A 104 -5.80 13.55 11.26
CA ASP A 104 -7.23 13.29 11.38
C ASP A 104 -8.07 14.54 11.13
N GLY A 105 -9.28 14.32 10.65
CA GLY A 105 -10.22 15.38 10.32
C GLY A 105 -11.65 14.89 10.42
N LYS A 106 -12.59 15.83 10.55
CA LYS A 106 -14.01 15.50 10.71
C LYS A 106 -14.85 16.76 10.48
N VAL A 107 -16.08 16.62 9.99
CA VAL A 107 -16.85 17.84 9.77
C VAL A 107 -17.72 18.23 10.96
N ASP A 108 -17.74 19.53 11.25
CA ASP A 108 -18.40 20.04 12.44
C ASP A 108 -19.92 20.14 12.19
N PRO A 109 -20.72 20.48 13.23
CA PRO A 109 -22.16 20.41 12.99
C PRO A 109 -22.69 21.49 12.05
N ALA A 110 -21.87 22.46 11.68
CA ALA A 110 -22.27 23.43 10.66
C ALA A 110 -21.62 23.17 9.28
N GLY A 111 -21.09 21.97 9.08
CA GLY A 111 -20.54 21.62 7.77
C GLY A 111 -19.15 22.16 7.46
N ARG A 112 -18.40 22.51 8.51
CA ARG A 112 -17.01 22.91 8.34
C ARG A 112 -16.10 21.68 8.46
N TYR A 113 -15.07 21.60 7.62
CA TYR A 113 -14.14 20.45 7.63
C TYR A 113 -12.93 20.78 8.50
N PHE A 114 -12.95 20.32 9.74
CA PHE A 114 -11.83 20.49 10.66
C PHE A 114 -10.78 19.43 10.36
N ALA A 115 -9.51 19.82 10.30
CA ALA A 115 -8.43 18.84 10.16
C ALA A 115 -7.14 19.47 10.64
N GLY A 116 -6.28 18.69 11.27
CA GLY A 116 -5.02 19.20 11.77
C GLY A 116 -3.83 18.48 11.17
N THR A 117 -2.66 19.07 11.29
CA THR A 117 -1.47 18.54 10.62
C THR A 117 -0.40 18.06 11.63
N MET A 118 0.75 17.63 11.11
CA MET A 118 1.81 17.03 11.91
C MET A 118 3.05 17.01 11.05
N ALA A 119 4.24 16.95 11.65
CA ALA A 119 5.44 16.69 10.89
C ALA A 119 5.34 15.23 10.48
N GLU A 120 5.87 14.88 9.31
CA GLU A 120 5.83 13.49 8.87
C GLU A 120 6.80 12.65 9.73
N GLU A 121 6.37 11.44 10.04
CA GLU A 121 7.14 10.52 10.87
C GLU A 121 8.21 9.78 10.11
N THR A 122 9.24 9.33 10.83
CA THR A 122 10.20 8.36 10.27
C THR A 122 9.93 6.99 10.92
N ALA A 123 9.11 7.01 11.98
CA ALA A 123 8.67 5.80 12.68
C ALA A 123 7.50 6.24 13.54
N PRO A 124 6.68 5.30 14.04
CA PRO A 124 5.48 5.75 14.75
C PRO A 124 5.82 6.62 15.97
N ALA A 125 5.24 7.82 16.06
CA ALA A 125 5.54 8.82 17.09
C ALA A 125 7.01 9.29 17.11
N VAL A 126 7.72 9.16 16.00
CA VAL A 126 9.08 9.68 15.89
C VAL A 126 9.11 10.75 14.79
N LEU A 127 9.18 12.02 15.19
CA LEU A 127 9.00 13.14 14.28
C LEU A 127 9.51 14.43 14.93
N GLU A 128 9.69 15.47 14.12
CA GLU A 128 10.02 16.79 14.65
C GLU A 128 8.79 17.26 15.44
N ARG A 129 8.99 17.80 16.65
CA ARG A 129 7.86 18.10 17.52
C ARG A 129 7.17 19.43 17.22
N HIS A 130 5.90 19.54 17.61
CA HIS A 130 5.19 20.83 17.62
C HIS A 130 5.08 21.53 16.24
N GLN A 131 5.10 20.76 15.15
CA GLN A 131 5.05 21.32 13.79
C GLN A 131 3.64 21.45 13.21
N GLY A 132 2.66 20.87 13.90
CA GLY A 132 1.30 20.84 13.38
C GLY A 132 0.45 22.02 13.84
N SER A 133 -0.71 22.15 13.21
CA SER A 133 -1.71 23.16 13.61
C SER A 133 -3.05 22.53 13.32
N LEU A 134 -4.09 22.99 14.01
CA LEU A 134 -5.44 22.59 13.65
C LEU A 134 -6.00 23.64 12.72
N TYR A 135 -6.68 23.21 11.65
CA TYR A 135 -7.34 24.12 10.71
C TYR A 135 -8.80 23.73 10.56
N SER A 136 -9.60 24.61 9.96
CA SER A 136 -10.89 24.18 9.43
C SER A 136 -11.17 24.84 8.09
N LEU A 137 -11.79 24.08 7.20
CA LEU A 137 -12.18 24.56 5.88
C LEU A 137 -13.66 24.95 5.96
N PHE A 138 -13.95 26.23 5.77
CA PHE A 138 -15.32 26.71 5.86
C PHE A 138 -16.05 26.40 4.55
N PRO A 139 -17.40 26.48 4.54
CA PRO A 139 -18.15 26.22 3.30
C PRO A 139 -17.71 27.15 2.19
N ASP A 140 -17.22 28.32 2.60
CA ASP A 140 -16.45 29.31 1.86
C ASP A 140 -15.32 28.78 0.99
N HIS A 141 -14.70 27.69 1.45
CA HIS A 141 -13.37 27.26 1.02
C HIS A 141 -12.29 28.16 1.62
N SER A 142 -12.66 29.10 2.48
CA SER A 142 -11.64 29.82 3.22
C SER A 142 -11.17 28.88 4.33
N VAL A 143 -9.97 29.14 4.85
CA VAL A 143 -9.38 28.30 5.90
C VAL A 143 -9.11 29.13 7.15
N LYS A 144 -9.61 28.65 8.28
CA LYS A 144 -9.33 29.22 9.59
C LYS A 144 -8.23 28.42 10.26
N LYS A 145 -7.20 29.11 10.76
CA LYS A 145 -6.17 28.46 11.58
C LYS A 145 -6.43 28.67 13.08
N TYR A 146 -6.57 27.59 13.84
CA TYR A 146 -6.97 27.66 15.25
C TYR A 146 -5.85 27.80 16.29
N PHE A 147 -4.89 26.88 16.25
CA PHE A 147 -3.74 26.90 17.15
C PHE A 147 -2.62 26.07 16.52
N ASP A 148 -1.38 26.39 16.86
CA ASP A 148 -0.22 25.65 16.37
C ASP A 148 0.42 24.85 17.51
N GLN A 149 1.70 24.50 17.34
CA GLN A 149 2.46 23.71 18.34
C GLN A 149 1.89 22.31 18.56
N VAL A 150 1.16 21.79 17.59
CA VAL A 150 0.62 20.43 17.71
C VAL A 150 1.68 19.40 17.35
N ASP A 151 1.75 18.30 18.13
CA ASP A 151 2.64 17.19 17.76
C ASP A 151 1.99 16.36 16.64
N ILE A 152 0.88 15.70 16.97
CA ILE A 152 0.18 14.88 15.99
C ILE A 152 -1.31 15.13 16.17
N SER A 153 -1.90 15.90 15.25
CA SER A 153 -3.31 16.24 15.37
C SER A 153 -4.13 14.98 15.16
N ASN A 154 -5.08 14.73 16.05
CA ASN A 154 -5.81 13.48 15.95
C ASN A 154 -7.33 13.55 16.22
N GLY A 155 -7.86 12.59 16.96
CA GLY A 155 -9.30 12.44 17.10
C GLY A 155 -10.03 13.71 17.57
N LEU A 156 -11.27 13.87 17.11
CA LEU A 156 -12.04 15.07 17.41
C LEU A 156 -13.52 14.83 17.23
N ASP A 157 -14.33 15.57 17.98
CA ASP A 157 -15.78 15.53 17.82
C ASP A 157 -16.42 16.72 18.56
N TRP A 158 -17.75 16.77 18.56
CA TRP A 158 -18.49 17.89 19.12
C TRP A 158 -19.59 17.40 20.07
N SER A 159 -19.81 18.12 21.16
CA SER A 159 -20.89 17.76 22.10
C SER A 159 -22.24 17.83 21.38
N LEU A 160 -23.23 17.09 21.89
CA LEU A 160 -24.53 17.05 21.24
C LEU A 160 -25.27 18.39 21.31
N ASP A 161 -24.90 19.25 22.25
CA ASP A 161 -25.51 20.58 22.32
C ASP A 161 -24.76 21.59 21.47
N HIS A 162 -23.66 21.15 20.87
CA HIS A 162 -22.89 21.99 19.95
C HIS A 162 -22.26 23.21 20.59
N LYS A 163 -21.92 23.10 21.88
CA LYS A 163 -21.22 24.16 22.59
C LYS A 163 -19.81 23.74 23.01
N ILE A 164 -19.44 22.49 22.73
CA ILE A 164 -18.15 21.97 23.17
C ILE A 164 -17.46 21.20 22.04
N PHE A 165 -16.17 21.45 21.88
CA PHE A 165 -15.34 20.76 20.90
C PHE A 165 -14.30 19.93 21.63
N TYR A 166 -14.24 18.64 21.28
CA TYR A 166 -13.28 17.72 21.89
C TYR A 166 -12.15 17.41 20.92
N TYR A 167 -10.94 17.32 21.44
CA TYR A 167 -9.79 17.26 20.57
C TYR A 167 -8.65 16.48 21.17
N ILE A 168 -8.01 15.65 20.35
CA ILE A 168 -6.80 14.93 20.76
C ILE A 168 -5.57 15.31 19.95
N ASP A 169 -4.53 15.79 20.65
CA ASP A 169 -3.18 15.79 20.09
C ASP A 169 -2.55 14.54 20.68
N SER A 170 -2.21 13.59 19.82
CA SER A 170 -1.80 12.25 20.30
C SER A 170 -0.71 12.29 21.35
N LEU A 171 0.32 13.10 21.14
CA LEU A 171 1.50 13.04 22.01
C LEU A 171 1.35 13.91 23.26
N SER A 172 0.14 14.42 23.49
CA SER A 172 -0.18 15.09 24.75
C SER A 172 -0.76 14.08 25.74
N TYR A 173 -1.15 12.91 25.22
CA TYR A 173 -1.74 11.83 26.03
C TYR A 173 -2.95 12.28 26.84
N THR A 174 -3.66 13.29 26.34
CA THR A 174 -4.91 13.73 26.97
C THR A 174 -5.98 13.92 25.90
N VAL A 175 -7.25 13.82 26.32
CA VAL A 175 -8.37 14.31 25.52
C VAL A 175 -8.69 15.70 26.06
N ASP A 176 -8.81 16.68 25.18
CA ASP A 176 -9.01 18.06 25.63
C ASP A 176 -10.39 18.54 25.20
N ALA A 177 -10.83 19.67 25.76
CA ALA A 177 -12.11 20.25 25.36
C ALA A 177 -11.98 21.75 25.21
N PHE A 178 -12.81 22.35 24.37
CA PHE A 178 -12.82 23.80 24.18
C PHE A 178 -14.28 24.22 24.21
N ASP A 179 -14.55 25.45 24.63
CA ASP A 179 -15.85 26.03 24.33
C ASP A 179 -15.88 26.23 22.81
N TYR A 180 -17.03 26.05 22.20
CA TYR A 180 -17.13 26.08 20.74
C TYR A 180 -18.39 26.84 20.36
N ASP A 181 -18.27 27.74 19.40
CA ASP A 181 -19.46 28.48 18.92
C ASP A 181 -19.91 28.00 17.54
N LEU A 182 -21.11 27.46 17.48
CA LEU A 182 -21.65 26.85 16.27
C LEU A 182 -21.72 27.83 15.09
N GLN A 183 -22.21 29.04 15.34
CA GLN A 183 -22.43 29.99 14.27
C GLN A 183 -21.16 30.50 13.59
N THR A 184 -20.06 30.58 14.33
CA THR A 184 -18.80 31.14 13.82
C THR A 184 -17.69 30.10 13.66
N GLY A 185 -17.81 28.97 14.36
CA GLY A 185 -16.77 27.94 14.32
C GLY A 185 -15.56 28.31 15.18
N GLN A 186 -15.73 29.28 16.09
CA GLN A 186 -14.63 29.69 16.97
C GLN A 186 -14.55 28.75 18.17
N ILE A 187 -13.34 28.62 18.72
CA ILE A 187 -13.17 27.85 19.96
C ILE A 187 -12.43 28.68 21.01
N SER A 188 -12.60 28.30 22.27
CA SER A 188 -11.93 28.98 23.37
C SER A 188 -11.85 28.11 24.64
N ASN A 189 -10.96 28.47 25.56
CA ASN A 189 -10.91 27.84 26.90
C ASN A 189 -10.49 26.38 26.84
N ARG A 190 -9.31 26.11 26.31
CA ARG A 190 -8.82 24.74 26.24
C ARG A 190 -8.58 24.17 27.63
N ARG A 191 -9.09 22.97 27.89
CA ARG A 191 -8.75 22.28 29.12
C ARG A 191 -8.72 20.76 28.92
N ILE A 192 -7.99 20.08 29.79
CA ILE A 192 -7.93 18.62 29.77
C ILE A 192 -9.24 18.04 30.32
N VAL A 193 -9.85 17.07 29.62
CA VAL A 193 -11.00 16.38 30.18
C VAL A 193 -10.75 14.89 30.48
N TYR A 194 -9.71 14.30 29.90
CA TYR A 194 -9.30 12.93 30.25
C TYR A 194 -7.79 12.74 30.14
N LYS A 195 -7.20 12.09 31.15
CA LYS A 195 -5.78 11.75 31.09
C LYS A 195 -5.63 10.27 30.80
N MET A 196 -4.94 9.94 29.69
CA MET A 196 -4.73 8.56 29.31
C MET A 196 -3.86 7.86 30.34
N GLU A 197 -4.26 6.64 30.71
CA GLU A 197 -3.43 5.84 31.60
C GLU A 197 -2.32 5.22 30.78
N LYS A 198 -1.26 4.76 31.44
CA LYS A 198 -0.13 4.17 30.73
C LYS A 198 -0.52 3.04 29.78
N ASP A 199 -1.33 2.11 30.26
CA ASP A 199 -1.70 0.96 29.43
C ASP A 199 -2.68 1.30 28.31
N GLU A 200 -3.22 2.52 28.31
CA GLU A 200 -4.08 2.97 27.22
C GLU A 200 -3.26 3.56 26.07
N GLN A 201 -1.96 3.70 26.30
CA GLN A 201 -1.01 4.05 25.25
C GLN A 201 -1.36 5.37 24.56
N ILE A 202 -1.35 5.42 23.22
CA ILE A 202 -1.51 6.70 22.52
C ILE A 202 -2.95 6.98 22.06
N PRO A 203 -3.57 8.07 22.56
CA PRO A 203 -4.93 8.36 22.08
C PRO A 203 -4.89 8.73 20.60
N ASP A 204 -5.81 8.18 19.82
CA ASP A 204 -5.74 8.34 18.37
C ASP A 204 -7.08 8.92 17.89
N GLY A 205 -7.90 8.12 17.22
CA GLY A 205 -9.21 8.59 16.77
C GLY A 205 -10.30 8.58 17.85
N MET A 206 -11.37 9.34 17.63
CA MET A 206 -12.39 9.53 18.66
C MET A 206 -13.75 9.82 18.04
N CYS A 207 -14.82 9.31 18.64
CA CYS A 207 -16.15 9.75 18.26
C CYS A 207 -17.05 9.85 19.49
N ILE A 208 -18.09 10.66 19.39
CA ILE A 208 -19.02 10.83 20.49
C ILE A 208 -20.17 9.83 20.32
N ASP A 209 -20.86 9.47 21.40
CA ASP A 209 -22.07 8.65 21.27
C ASP A 209 -23.34 9.45 21.63
N ALA A 210 -24.50 8.82 21.47
CA ALA A 210 -25.79 9.51 21.63
C ALA A 210 -26.06 9.97 23.06
N GLU A 211 -25.27 9.47 24.01
CA GLU A 211 -25.41 9.85 25.40
C GLU A 211 -24.34 10.86 25.80
N GLY A 212 -23.60 11.34 24.80
CA GLY A 212 -22.61 12.38 25.03
C GLY A 212 -21.26 11.89 25.53
N LYS A 213 -21.08 10.57 25.58
CA LYS A 213 -19.80 10.00 26.00
C LYS A 213 -18.84 9.86 24.81
N LEU A 214 -17.54 9.83 25.11
CA LEU A 214 -16.50 9.77 24.09
C LEU A 214 -15.89 8.37 24.02
N TRP A 215 -15.72 7.86 22.79
CA TRP A 215 -15.00 6.62 22.56
C TRP A 215 -13.69 6.94 21.84
N VAL A 216 -12.58 6.51 22.43
CA VAL A 216 -11.25 6.78 21.91
C VAL A 216 -10.50 5.50 21.52
N ALA A 217 -9.94 5.47 20.32
CA ALA A 217 -9.11 4.35 19.90
C ALA A 217 -7.70 4.54 20.44
N CYS A 218 -7.18 3.48 21.04
CA CYS A 218 -5.89 3.52 21.74
C CYS A 218 -4.81 2.86 20.91
N TYR A 219 -3.99 3.68 20.25
CA TYR A 219 -2.99 3.19 19.32
C TYR A 219 -1.86 2.56 20.13
N ASN A 220 -1.57 1.28 19.84
CA ASN A 220 -0.70 0.40 20.65
C ASN A 220 -1.40 -0.22 21.87
N GLY A 221 -2.61 0.24 22.18
CA GLY A 221 -3.30 -0.24 23.37
C GLY A 221 -4.30 -1.37 23.09
N GLY A 222 -4.53 -1.64 21.80
CA GLY A 222 -5.41 -2.73 21.40
C GLY A 222 -6.79 -2.66 22.02
N ARG A 223 -7.39 -1.47 21.99
CA ARG A 223 -8.66 -1.28 22.65
C ARG A 223 -9.28 0.02 22.24
N VAL A 224 -10.59 0.13 22.46
CA VAL A 224 -11.24 1.42 22.50
C VAL A 224 -11.72 1.60 23.92
N ILE A 225 -11.69 2.83 24.41
CA ILE A 225 -12.22 3.13 25.74
C ILE A 225 -13.37 4.12 25.63
N ARG A 226 -14.29 4.05 26.60
CA ARG A 226 -15.41 4.97 26.69
C ARG A 226 -15.18 5.91 27.88
N LEU A 227 -15.29 7.21 27.64
CA LEU A 227 -14.95 8.23 28.64
C LEU A 227 -16.12 9.17 28.91
N ASP A 228 -16.24 9.61 30.16
CA ASP A 228 -17.19 10.68 30.49
C ASP A 228 -16.45 12.01 30.63
N PRO A 229 -16.58 12.90 29.62
CA PRO A 229 -15.79 14.15 29.65
C PRO A 229 -16.22 15.09 30.80
N GLU A 230 -17.40 14.86 31.35
CA GLU A 230 -17.87 15.67 32.47
C GLU A 230 -17.18 15.33 33.79
N THR A 231 -16.80 14.06 33.94
CA THR A 231 -16.15 13.60 35.16
C THR A 231 -14.66 13.28 34.99
N GLY A 232 -14.26 13.00 33.75
CA GLY A 232 -12.86 12.62 33.50
C GLY A 232 -12.59 11.16 33.85
N LYS A 233 -13.64 10.38 34.06
CA LYS A 233 -13.49 8.96 34.37
C LYS A 233 -13.74 8.08 33.16
N ARG A 234 -13.00 6.98 33.05
CA ARG A 234 -13.26 6.00 32.00
C ARG A 234 -14.49 5.20 32.42
N LEU A 235 -15.39 4.94 31.48
CA LEU A 235 -16.60 4.17 31.78
C LEU A 235 -16.44 2.69 31.42
N GLN A 236 -15.62 2.41 30.41
CA GLN A 236 -15.62 1.10 29.78
C GLN A 236 -14.37 0.92 28.93
N THR A 237 -13.96 -0.33 28.77
CA THR A 237 -12.86 -0.71 27.89
C THR A 237 -13.31 -1.93 27.10
N VAL A 238 -13.10 -1.94 25.81
N VAL A 238 -13.05 -1.91 25.80
CA VAL A 238 -13.28 -3.17 25.07
CA VAL A 238 -13.28 -3.06 24.94
C VAL A 238 -12.06 -3.42 24.19
C VAL A 238 -11.99 -3.38 24.21
N LYS A 239 -11.46 -4.58 24.38
CA LYS A 239 -10.21 -4.93 23.75
C LYS A 239 -10.40 -5.56 22.39
N LEU A 240 -9.36 -5.45 21.56
CA LEU A 240 -9.36 -6.06 20.23
C LEU A 240 -8.08 -6.87 20.05
N PRO A 241 -8.10 -7.88 19.15
CA PRO A 241 -6.92 -8.73 18.93
C PRO A 241 -5.82 -8.07 18.07
N VAL A 242 -5.89 -6.76 17.89
CA VAL A 242 -4.84 -6.03 17.19
C VAL A 242 -4.41 -4.84 18.06
N ASP A 243 -3.10 -4.59 18.15
CA ASP A 243 -2.57 -3.57 19.07
C ASP A 243 -2.73 -2.14 18.54
N LYS A 244 -2.54 -1.97 17.23
CA LYS A 244 -2.52 -0.63 16.66
C LYS A 244 -3.90 -0.18 16.21
N THR A 245 -4.83 -0.12 17.17
CA THR A 245 -6.18 0.34 16.89
C THR A 245 -6.10 1.86 16.65
N THR A 246 -6.56 2.32 15.50
CA THR A 246 -6.36 3.73 15.11
C THR A 246 -7.56 4.65 15.29
N SER A 247 -8.76 4.17 15.00
CA SER A 247 -9.91 5.06 15.05
C SER A 247 -11.19 4.27 15.10
N CYS A 248 -12.31 4.96 15.27
CA CYS A 248 -13.60 4.31 15.41
C CYS A 248 -14.71 5.27 15.03
N CYS A 249 -15.83 4.72 14.63
CA CYS A 249 -17.03 5.50 14.32
C CYS A 249 -18.22 4.57 14.47
N PHE A 250 -19.42 5.14 14.61
CA PHE A 250 -20.61 4.31 14.67
C PHE A 250 -21.24 4.24 13.30
N GLY A 251 -21.87 3.11 13.01
CA GLY A 251 -22.49 2.88 11.71
C GLY A 251 -23.55 1.82 11.80
N GLY A 252 -23.94 1.29 10.64
CA GLY A 252 -24.98 0.27 10.57
C GLY A 252 -26.36 0.80 10.93
N LYS A 253 -27.27 -0.13 11.22
CA LYS A 253 -28.65 0.16 11.60
C LYS A 253 -28.75 1.12 12.78
N ASP A 254 -29.22 2.34 12.51
CA ASP A 254 -29.42 3.35 13.55
C ASP A 254 -28.16 3.65 14.33
N TYR A 255 -27.01 3.53 13.66
CA TYR A 255 -25.72 3.83 14.27
C TYR A 255 -25.46 2.98 15.52
N SER A 256 -25.90 1.72 15.45
CA SER A 256 -25.81 0.82 16.60
C SER A 256 -24.54 -0.02 16.61
N GLU A 257 -23.80 -0.03 15.51
CA GLU A 257 -22.56 -0.82 15.42
C GLU A 257 -21.33 0.07 15.35
N MET A 258 -20.22 -0.37 15.95
CA MET A 258 -19.00 0.43 15.89
C MET A 258 -17.99 -0.20 14.94
N TYR A 259 -17.47 0.61 14.03
CA TYR A 259 -16.38 0.17 13.16
C TYR A 259 -15.05 0.69 13.68
N VAL A 260 -14.06 -0.19 13.73
CA VAL A 260 -12.74 0.18 14.24
C VAL A 260 -11.67 -0.13 13.20
N THR A 261 -10.79 0.84 12.92
CA THR A 261 -9.71 0.63 11.96
C THR A 261 -8.43 0.31 12.73
N CYS A 262 -7.43 -0.24 12.04
CA CYS A 262 -6.14 -0.48 12.67
C CYS A 262 -4.99 -0.58 11.67
N ALA A 263 -3.76 -0.70 12.17
CA ALA A 263 -2.57 -0.65 11.32
C ALA A 263 -1.66 -1.88 11.48
N ARG A 264 -0.88 -2.17 10.44
CA ARG A 264 0.19 -3.16 10.56
C ARG A 264 1.56 -2.51 10.43
N ASP A 265 1.61 -1.26 9.95
CA ASP A 265 2.89 -0.55 9.90
C ASP A 265 3.51 -0.48 11.29
N GLY A 266 4.83 -0.67 11.38
CA GLY A 266 5.52 -0.61 12.66
C GLY A 266 5.64 -1.95 13.37
N LEU A 267 4.90 -2.94 12.90
N LEU A 267 4.89 -2.95 12.91
CA LEU A 267 4.98 -4.29 13.45
CA LEU A 267 4.99 -4.29 13.48
C LEU A 267 6.18 -5.03 12.87
C LEU A 267 6.17 -5.05 12.87
N ASN A 268 6.95 -5.72 13.72
CA ASN A 268 8.00 -6.61 13.22
C ASN A 268 7.42 -7.99 12.84
N ALA A 269 8.26 -8.91 12.36
CA ALA A 269 7.81 -10.23 11.92
C ALA A 269 7.00 -10.97 12.98
N GLU A 270 7.48 -10.92 14.23
CA GLU A 270 6.77 -11.54 15.38
C GLU A 270 5.44 -10.89 15.62
N GLY A 271 5.44 -9.55 15.61
CA GLY A 271 4.22 -8.77 15.77
C GLY A 271 3.16 -9.14 14.75
N LEU A 272 3.58 -9.27 13.50
CA LEU A 272 2.67 -9.65 12.43
C LEU A 272 2.04 -11.03 12.68
N LEU A 273 2.86 -11.98 13.11
CA LEU A 273 2.38 -13.35 13.33
C LEU A 273 1.45 -13.40 14.54
N ARG A 274 1.73 -12.56 15.53
CA ARG A 274 0.89 -12.44 16.72
C ARG A 274 -0.43 -11.72 16.44
N GLN A 275 -0.47 -10.90 15.40
CA GLN A 275 -1.68 -10.16 15.04
C GLN A 275 -2.03 -10.34 13.56
N PRO A 276 -2.55 -11.52 13.22
CA PRO A 276 -2.84 -11.87 11.82
C PRO A 276 -3.83 -10.90 11.17
N ASP A 277 -4.67 -10.26 11.97
CA ASP A 277 -5.65 -9.35 11.41
C ASP A 277 -5.25 -7.88 11.47
N ALA A 278 -3.97 -7.62 11.73
CA ALA A 278 -3.45 -6.25 11.73
C ALA A 278 -3.69 -5.61 10.37
N GLY A 279 -4.30 -4.43 10.39
CA GLY A 279 -4.57 -3.70 9.15
C GLY A 279 -5.99 -3.88 8.67
N ASN A 280 -6.71 -4.83 9.26
CA ASN A 280 -8.07 -5.12 8.86
C ASN A 280 -9.09 -4.21 9.56
N ILE A 281 -10.35 -4.31 9.12
CA ILE A 281 -11.43 -3.55 9.73
C ILE A 281 -12.23 -4.41 10.67
N PHE A 282 -12.49 -3.88 11.86
CA PHE A 282 -13.26 -4.59 12.86
C PHE A 282 -14.63 -3.96 13.07
N LYS A 283 -15.60 -4.78 13.47
CA LYS A 283 -16.88 -4.25 13.90
C LYS A 283 -17.19 -4.73 15.29
N ILE A 284 -17.76 -3.85 16.11
CA ILE A 284 -18.13 -4.17 17.47
C ILE A 284 -19.64 -4.03 17.65
N THR A 285 -20.30 -5.13 18.01
CA THR A 285 -21.75 -5.14 18.25
C THR A 285 -22.06 -5.33 19.72
N GLY A 286 -23.22 -4.81 20.14
CA GLY A 286 -23.71 -5.01 21.50
C GLY A 286 -23.18 -4.06 22.55
N LEU A 287 -22.73 -2.88 22.13
CA LEU A 287 -22.21 -1.90 23.08
C LEU A 287 -23.32 -1.30 23.93
N GLY A 288 -24.56 -1.40 23.45
CA GLY A 288 -25.70 -0.86 24.17
C GLY A 288 -25.89 0.64 24.08
N VAL A 289 -25.10 1.30 23.24
CA VAL A 289 -25.30 2.73 22.94
C VAL A 289 -25.22 2.92 21.45
N LYS A 290 -25.85 3.99 20.97
CA LYS A 290 -25.77 4.32 19.56
C LYS A 290 -24.90 5.56 19.40
N GLY A 291 -24.40 5.76 18.18
CA GLY A 291 -23.66 6.96 17.88
C GLY A 291 -24.57 7.91 17.13
N ILE A 292 -23.98 8.88 16.42
CA ILE A 292 -24.77 9.80 15.62
C ILE A 292 -24.23 9.84 14.20
N ALA A 293 -25.04 10.39 13.28
CA ALA A 293 -24.64 10.51 11.88
C ALA A 293 -23.47 11.50 11.76
N PRO A 294 -22.61 11.28 10.75
CA PRO A 294 -21.55 12.24 10.46
C PRO A 294 -22.17 13.45 9.80
N TYR A 295 -21.57 14.62 9.95
CA TYR A 295 -22.06 15.77 9.22
C TYR A 295 -21.34 15.82 7.87
N SER A 296 -22.00 16.38 6.85
CA SER A 296 -21.36 16.50 5.53
C SER A 296 -20.75 17.90 5.32
N TYR A 297 -19.63 17.99 4.61
CA TYR A 297 -18.98 19.28 4.39
C TYR A 297 -19.89 20.14 3.51
N ALA A 298 -20.04 21.41 3.86
CA ALA A 298 -21.05 22.28 3.22
C ALA A 298 -20.53 23.13 2.05
N GLY A 299 -19.32 22.82 1.58
CA GLY A 299 -18.74 23.56 0.47
C GLY A 299 -18.46 22.64 -0.72
N SER B 3 -6.65 -12.07 -32.92
CA SER B 3 -6.61 -10.67 -32.46
C SER B 3 -5.99 -10.50 -31.07
N ILE B 4 -5.04 -9.58 -30.95
CA ILE B 4 -4.43 -9.26 -29.67
C ILE B 4 -5.40 -8.46 -28.79
N LYS B 5 -5.80 -9.04 -27.67
CA LYS B 5 -6.68 -8.37 -26.73
C LYS B 5 -5.93 -8.06 -25.44
N VAL B 6 -6.05 -6.82 -24.98
CA VAL B 6 -5.44 -6.40 -23.72
C VAL B 6 -6.58 -6.13 -22.74
N GLU B 7 -6.55 -6.81 -21.61
CA GLU B 7 -7.65 -6.74 -20.67
C GLU B 7 -7.16 -6.55 -19.24
N CYS B 8 -7.80 -5.66 -18.50
CA CYS B 8 -7.53 -5.51 -17.08
C CYS B 8 -8.31 -6.54 -16.27
N VAL B 9 -7.61 -7.47 -15.62
CA VAL B 9 -8.26 -8.63 -15.02
C VAL B 9 -8.26 -8.64 -13.49
N LEU B 10 -7.46 -7.78 -12.88
CA LEU B 10 -7.45 -7.68 -11.42
C LEU B 10 -7.29 -6.22 -11.03
N ARG B 11 -8.35 -5.64 -10.49
CA ARG B 11 -8.38 -4.20 -10.21
C ARG B 11 -8.14 -3.88 -8.73
N GLU B 12 -6.97 -4.26 -8.23
CA GLU B 12 -6.65 -4.11 -6.82
C GLU B 12 -5.82 -2.89 -6.49
N ASN B 13 -5.39 -2.17 -7.53
CA ASN B 13 -4.65 -0.92 -7.36
C ASN B 13 -3.37 -1.04 -6.52
N TYR B 14 -2.45 -1.93 -6.91
CA TYR B 14 -1.18 -2.08 -6.20
C TYR B 14 -0.27 -0.85 -6.38
N ARG B 15 0.57 -0.56 -5.39
CA ARG B 15 1.48 0.56 -5.55
C ARG B 15 2.56 0.28 -6.60
N CYS B 16 3.15 -0.91 -6.54
CA CYS B 16 4.14 -1.31 -7.52
C CYS B 16 4.10 -2.82 -7.65
N GLY B 17 3.16 -3.32 -8.44
CA GLY B 17 3.04 -4.75 -8.67
C GLY B 17 4.29 -5.25 -9.39
N GLU B 18 4.79 -6.42 -9.02
CA GLU B 18 6.04 -6.93 -9.58
C GLU B 18 6.15 -8.44 -9.47
N SER B 19 7.16 -9.00 -10.14
CA SER B 19 7.50 -10.42 -10.04
C SER B 19 6.33 -11.39 -10.26
N PRO B 20 5.57 -11.25 -11.37
CA PRO B 20 4.48 -12.20 -11.60
C PRO B 20 5.02 -13.57 -11.94
N VAL B 21 4.47 -14.63 -11.32
CA VAL B 21 4.88 -16.01 -11.58
C VAL B 21 3.60 -16.83 -11.66
N TRP B 22 3.49 -17.67 -12.68
CA TRP B 22 2.30 -18.47 -12.87
C TRP B 22 2.45 -19.79 -12.12
N GLU B 23 1.45 -20.12 -11.31
CA GLU B 23 1.44 -21.37 -10.57
C GLU B 23 0.42 -22.32 -11.19
N GLU B 24 0.93 -23.22 -12.03
CA GLU B 24 0.13 -24.17 -12.79
C GLU B 24 -0.77 -25.03 -11.90
N ALA B 25 -0.20 -25.54 -10.82
CA ALA B 25 -0.89 -26.48 -9.96
C ALA B 25 -2.23 -25.95 -9.47
N SER B 26 -2.33 -24.62 -9.33
CA SER B 26 -3.54 -23.98 -8.80
C SER B 26 -4.17 -22.99 -9.77
N GLN B 27 -3.60 -22.85 -10.96
CA GLN B 27 -4.05 -21.83 -11.90
C GLN B 27 -4.15 -20.47 -11.19
N SER B 28 -3.11 -20.16 -10.41
CA SER B 28 -3.03 -18.90 -9.68
C SER B 28 -1.83 -18.08 -10.15
N LEU B 29 -1.96 -16.75 -10.10
CA LEU B 29 -0.83 -15.86 -10.34
C LEU B 29 -0.29 -15.39 -9.00
N LEU B 30 1.02 -15.54 -8.81
CA LEU B 30 1.69 -14.98 -7.65
C LEU B 30 2.46 -13.73 -8.07
N PHE B 31 2.62 -12.80 -7.15
CA PHE B 31 3.31 -11.56 -7.42
C PHE B 31 3.49 -10.82 -6.10
N VAL B 32 4.15 -9.67 -6.16
CA VAL B 32 4.33 -8.87 -4.96
C VAL B 32 3.87 -7.45 -5.23
N ASP B 33 3.59 -6.71 -4.15
CA ASP B 33 3.43 -5.27 -4.23
C ASP B 33 4.48 -4.69 -3.31
N ILE B 34 5.57 -4.21 -3.90
CA ILE B 34 6.83 -4.00 -3.17
C ILE B 34 6.76 -3.09 -1.94
N PRO B 35 6.37 -1.81 -2.12
CA PRO B 35 6.34 -0.95 -0.93
C PRO B 35 5.17 -1.28 -0.02
N SER B 36 4.20 -2.05 -0.50
CA SER B 36 3.08 -2.46 0.34
C SER B 36 3.43 -3.66 1.25
N LYS B 37 4.60 -4.23 1.03
CA LYS B 37 5.13 -5.32 1.87
C LYS B 37 4.19 -6.54 1.90
N ILE B 38 3.65 -6.89 0.73
CA ILE B 38 2.78 -8.06 0.63
C ILE B 38 3.17 -8.95 -0.54
N ILE B 39 3.08 -10.26 -0.32
CA ILE B 39 3.13 -11.23 -1.40
C ILE B 39 1.68 -11.61 -1.69
N CYS B 40 1.32 -11.71 -2.96
CA CYS B 40 -0.06 -11.97 -3.34
C CYS B 40 -0.20 -13.26 -4.14
N ARG B 41 -1.33 -13.90 -3.96
CA ARG B 41 -1.64 -15.10 -4.72
C ARG B 41 -3.09 -15.00 -5.14
N TRP B 42 -3.29 -14.84 -6.45
CA TRP B 42 -4.61 -14.61 -7.02
C TRP B 42 -5.07 -15.88 -7.72
N ASP B 43 -6.09 -16.51 -7.13
CA ASP B 43 -6.71 -17.69 -7.72
C ASP B 43 -7.55 -17.22 -8.90
N THR B 44 -7.09 -17.50 -10.12
CA THR B 44 -7.80 -17.03 -11.32
C THR B 44 -9.16 -17.70 -11.55
N VAL B 45 -9.41 -18.82 -10.89
CA VAL B 45 -10.69 -19.52 -11.04
C VAL B 45 -11.74 -18.96 -10.09
N SER B 46 -11.43 -18.96 -8.79
CA SER B 46 -12.35 -18.37 -7.80
C SER B 46 -12.31 -16.85 -7.84
N ASN B 47 -11.28 -16.30 -8.49
CA ASN B 47 -11.06 -14.86 -8.53
C ASN B 47 -10.78 -14.23 -7.16
N GLN B 48 -10.32 -15.05 -6.21
CA GLN B 48 -10.02 -14.53 -4.87
C GLN B 48 -8.51 -14.26 -4.73
N VAL B 49 -8.16 -13.19 -3.99
CA VAL B 49 -6.76 -12.89 -3.75
C VAL B 49 -6.44 -13.12 -2.28
N GLN B 50 -5.31 -13.79 -2.01
CA GLN B 50 -4.82 -13.91 -0.64
C GLN B 50 -3.50 -13.18 -0.54
N ARG B 51 -3.23 -12.62 0.63
CA ARG B 51 -2.00 -11.87 0.82
C ARG B 51 -1.26 -12.35 2.06
N VAL B 52 0.06 -12.30 2.01
CA VAL B 52 0.89 -12.43 3.20
C VAL B 52 1.64 -11.12 3.41
N ALA B 53 1.37 -10.45 4.52
CA ALA B 53 2.11 -9.25 4.89
C ALA B 53 3.42 -9.63 5.56
N VAL B 54 4.49 -8.91 5.23
CA VAL B 54 5.81 -9.13 5.82
C VAL B 54 6.37 -7.80 6.32
N ASP B 55 7.48 -7.84 7.06
CA ASP B 55 7.89 -6.66 7.80
C ASP B 55 8.84 -5.76 7.02
N ALA B 56 9.05 -6.08 5.75
CA ALA B 56 9.93 -5.27 4.91
C ALA B 56 9.49 -5.39 3.45
N PRO B 57 9.93 -4.47 2.57
CA PRO B 57 9.53 -4.59 1.17
C PRO B 57 9.96 -5.95 0.64
N VAL B 58 9.07 -6.59 -0.11
CA VAL B 58 9.32 -7.89 -0.71
C VAL B 58 9.28 -7.69 -2.22
N SER B 59 10.34 -8.12 -2.90
CA SER B 59 10.56 -7.67 -4.27
C SER B 59 10.41 -8.77 -5.33
N SER B 60 10.47 -10.02 -4.90
CA SER B 60 10.28 -11.13 -5.81
C SER B 60 9.75 -12.33 -5.05
N VAL B 61 9.08 -13.22 -5.76
CA VAL B 61 8.53 -14.43 -5.20
C VAL B 61 8.76 -15.53 -6.24
N ALA B 62 8.96 -16.78 -5.78
CA ALA B 62 9.15 -17.90 -6.70
C ALA B 62 8.63 -19.20 -6.09
N LEU B 63 8.41 -20.21 -6.94
CA LEU B 63 7.91 -21.49 -6.46
C LEU B 63 9.06 -22.26 -5.80
N ARG B 64 8.74 -23.05 -4.78
CA ARG B 64 9.75 -23.88 -4.10
C ARG B 64 9.38 -25.34 -4.27
N GLN B 65 10.29 -26.14 -4.85
CA GLN B 65 9.96 -27.52 -5.24
C GLN B 65 9.34 -28.33 -4.07
N LEU B 66 9.96 -28.27 -2.90
CA LEU B 66 9.52 -29.10 -1.78
C LEU B 66 8.18 -28.66 -1.19
N GLY B 67 7.68 -27.50 -1.63
CA GLY B 67 6.45 -26.94 -1.11
C GLY B 67 6.59 -25.49 -0.67
N GLY B 68 5.49 -24.74 -0.75
CA GLY B 68 5.48 -23.34 -0.39
C GLY B 68 6.26 -22.52 -1.39
N TYR B 69 6.85 -21.42 -0.94
CA TYR B 69 7.47 -20.47 -1.85
C TYR B 69 8.78 -19.97 -1.29
N VAL B 70 9.59 -19.34 -2.14
CA VAL B 70 10.71 -18.53 -1.67
C VAL B 70 10.47 -17.08 -2.11
N ALA B 71 11.10 -16.14 -1.42
CA ALA B 71 10.90 -14.73 -1.74
C ALA B 71 12.13 -13.96 -1.30
N THR B 72 12.27 -12.75 -1.84
CA THR B 72 13.33 -11.83 -1.44
C THR B 72 12.71 -10.67 -0.67
N ILE B 73 13.06 -10.59 0.61
CA ILE B 73 12.48 -9.63 1.53
C ILE B 73 13.63 -8.85 2.11
N GLY B 74 13.60 -7.52 1.96
CA GLY B 74 14.74 -6.69 2.26
C GLY B 74 15.92 -7.23 1.48
N THR B 75 16.99 -7.55 2.20
N THR B 75 17.02 -7.50 2.18
CA THR B 75 18.17 -8.14 1.60
CA THR B 75 18.18 -8.14 1.56
C THR B 75 18.33 -9.60 2.03
C THR B 75 18.34 -9.60 2.02
N LYS B 76 17.22 -10.29 2.22
CA LYS B 76 17.23 -11.69 2.62
C LYS B 76 16.57 -12.63 1.61
N PHE B 77 17.22 -13.77 1.38
CA PHE B 77 16.61 -14.88 0.66
C PHE B 77 15.80 -15.66 1.71
N CYS B 78 14.51 -15.85 1.47
CA CYS B 78 13.63 -16.49 2.45
C CYS B 78 12.77 -17.58 1.87
N ALA B 79 12.30 -18.46 2.75
CA ALA B 79 11.30 -19.43 2.39
C ALA B 79 10.00 -18.98 3.05
N LEU B 80 8.88 -19.30 2.42
CA LEU B 80 7.60 -18.84 2.92
C LEU B 80 6.61 -19.98 3.12
N ASN B 81 6.11 -20.12 4.35
CA ASN B 81 4.97 -21.00 4.61
C ASN B 81 3.70 -20.17 4.48
N TRP B 82 2.91 -20.46 3.44
CA TRP B 82 1.81 -19.59 3.06
C TRP B 82 0.70 -19.60 4.10
N GLU B 83 0.36 -20.80 4.56
CA GLU B 83 -0.78 -21.00 5.46
C GLU B 83 -0.53 -20.44 6.86
N ASN B 84 0.73 -20.41 7.28
CA ASN B 84 1.09 -19.80 8.56
C ASN B 84 1.62 -18.36 8.43
N GLN B 85 1.65 -17.83 7.21
CA GLN B 85 2.30 -16.55 6.91
C GLN B 85 3.69 -16.41 7.52
N SER B 86 4.43 -17.52 7.62
CA SER B 86 5.72 -17.44 8.28
C SER B 86 6.88 -17.43 7.29
N VAL B 87 7.85 -16.57 7.58
CA VAL B 87 9.02 -16.36 6.76
C VAL B 87 10.21 -17.03 7.45
N PHE B 88 10.96 -17.83 6.69
CA PHE B 88 12.18 -18.47 7.20
C PHE B 88 13.37 -17.95 6.41
N VAL B 89 14.29 -17.26 7.09
CA VAL B 89 15.49 -16.77 6.43
C VAL B 89 16.40 -17.92 5.96
N LEU B 90 16.80 -17.88 4.68
CA LEU B 90 17.72 -18.89 4.14
C LEU B 90 19.15 -18.36 4.05
N ALA B 91 19.28 -17.08 3.68
CA ALA B 91 20.58 -16.43 3.58
C ALA B 91 20.40 -14.92 3.54
N MET B 92 21.44 -14.18 3.90
CA MET B 92 21.42 -12.71 3.87
C MET B 92 22.53 -12.20 2.98
N VAL B 93 22.29 -11.10 2.26
CA VAL B 93 23.33 -10.47 1.44
C VAL B 93 23.45 -8.97 1.74
N ASP B 94 24.45 -8.31 1.16
CA ASP B 94 24.62 -6.87 1.31
C ASP B 94 24.58 -6.40 2.77
N GLU B 95 25.22 -7.15 3.66
CA GLU B 95 25.21 -6.78 5.08
C GLU B 95 26.03 -5.53 5.36
N ASP B 96 26.89 -5.17 4.41
CA ASP B 96 27.69 -3.95 4.50
C ASP B 96 26.95 -2.73 3.92
N LYS B 97 25.73 -2.93 3.43
CA LYS B 97 24.97 -1.84 2.84
C LYS B 97 23.94 -1.28 3.81
N LYS B 98 23.95 0.03 3.99
CA LYS B 98 23.06 0.69 4.94
C LYS B 98 21.60 0.61 4.53
N ASN B 99 21.32 0.71 3.23
CA ASN B 99 19.96 0.89 2.76
C ASN B 99 19.71 0.27 1.39
N ASN B 100 19.97 -1.03 1.28
CA ASN B 100 19.74 -1.77 0.06
C ASN B 100 18.53 -2.66 0.24
N ARG B 101 17.98 -3.14 -0.87
CA ARG B 101 17.00 -4.22 -0.86
C ARG B 101 17.22 -5.05 -2.12
N PHE B 102 16.70 -6.27 -2.12
CA PHE B 102 16.61 -7.05 -3.34
C PHE B 102 15.64 -6.36 -4.29
N ASN B 103 15.76 -6.68 -5.58
CA ASN B 103 14.68 -6.36 -6.52
C ASN B 103 14.22 -7.64 -7.24
N ASP B 104 14.40 -7.71 -8.55
CA ASP B 104 13.85 -8.84 -9.30
C ASP B 104 14.67 -10.12 -9.12
N GLY B 105 13.98 -11.25 -9.18
CA GLY B 105 14.61 -12.55 -9.02
C GLY B 105 13.83 -13.61 -9.75
N LYS B 106 14.51 -14.68 -10.13
CA LYS B 106 13.87 -15.75 -10.89
C LYS B 106 14.75 -16.97 -10.71
N VAL B 107 14.17 -18.16 -10.73
N VAL B 107 14.14 -18.16 -10.77
CA VAL B 107 15.00 -19.34 -10.57
CA VAL B 107 14.85 -19.43 -10.63
C VAL B 107 15.41 -19.93 -11.92
C VAL B 107 15.41 -19.91 -11.98
N ASP B 108 16.68 -20.33 -12.01
CA ASP B 108 17.28 -20.80 -13.26
C ASP B 108 16.85 -22.24 -13.57
N PRO B 109 17.19 -22.79 -14.75
CA PRO B 109 16.78 -24.17 -15.08
C PRO B 109 17.38 -25.28 -14.20
N ALA B 110 18.27 -24.95 -13.27
CA ALA B 110 18.82 -25.92 -12.33
C ALA B 110 18.27 -25.73 -10.91
N GLY B 111 17.29 -24.84 -10.74
CA GLY B 111 16.68 -24.63 -9.44
C GLY B 111 17.42 -23.68 -8.53
N ARG B 112 18.32 -22.87 -9.10
CA ARG B 112 19.01 -21.83 -8.33
C ARG B 112 18.20 -20.54 -8.41
N TYR B 113 18.02 -19.88 -7.27
CA TYR B 113 17.26 -18.64 -7.21
C TYR B 113 18.18 -17.42 -7.42
N PHE B 114 18.25 -16.93 -8.66
CA PHE B 114 18.99 -15.69 -8.96
C PHE B 114 18.19 -14.47 -8.48
N ALA B 115 18.84 -13.49 -7.86
CA ALA B 115 18.19 -12.23 -7.51
C ALA B 115 19.26 -11.17 -7.27
N GLY B 116 18.99 -9.94 -7.70
CA GLY B 116 19.95 -8.87 -7.55
C GLY B 116 19.42 -7.77 -6.65
N THR B 117 20.30 -6.88 -6.21
CA THR B 117 19.91 -5.86 -5.27
C THR B 117 20.06 -4.44 -5.85
N MET B 118 19.67 -3.45 -5.03
CA MET B 118 19.73 -2.05 -5.41
C MET B 118 19.75 -1.23 -4.13
N ALA B 119 20.21 0.01 -4.20
CA ALA B 119 19.97 0.97 -3.12
C ALA B 119 18.48 1.32 -3.13
N GLU B 120 17.89 1.61 -1.97
CA GLU B 120 16.49 2.03 -1.91
C GLU B 120 16.32 3.39 -2.57
N GLU B 121 15.22 3.56 -3.31
CA GLU B 121 14.93 4.79 -4.03
C GLU B 121 14.31 5.86 -3.13
N THR B 122 14.59 7.12 -3.45
CA THR B 122 13.87 8.23 -2.86
C THR B 122 12.76 8.65 -3.83
N ALA B 123 12.95 8.32 -5.12
CA ALA B 123 11.95 8.54 -6.17
C ALA B 123 12.30 7.56 -7.31
N PRO B 124 11.35 7.25 -8.21
CA PRO B 124 11.66 6.26 -9.27
C PRO B 124 12.94 6.62 -10.01
N ALA B 125 13.85 5.65 -10.13
CA ALA B 125 15.16 5.85 -10.75
C ALA B 125 16.06 6.87 -10.03
N VAL B 126 15.66 7.28 -8.84
CA VAL B 126 16.47 8.19 -8.03
C VAL B 126 16.95 7.50 -6.76
N LEU B 127 18.26 7.27 -6.66
CA LEU B 127 18.80 6.39 -5.63
C LEU B 127 20.31 6.49 -5.64
N GLU B 128 20.94 6.04 -4.57
CA GLU B 128 22.41 5.96 -4.55
C GLU B 128 22.87 5.01 -5.64
N ARG B 129 23.80 5.47 -6.46
CA ARG B 129 24.19 4.74 -7.66
C ARG B 129 25.13 3.56 -7.40
N HIS B 130 24.96 2.51 -8.20
CA HIS B 130 25.89 1.38 -8.23
C HIS B 130 26.03 0.61 -6.92
N GLN B 131 24.96 0.53 -6.12
CA GLN B 131 25.04 -0.11 -4.81
C GLN B 131 24.64 -1.59 -4.80
N GLY B 132 24.18 -2.08 -5.95
CA GLY B 132 23.63 -3.42 -6.03
C GLY B 132 24.61 -4.44 -6.56
N SER B 133 24.25 -5.71 -6.46
CA SER B 133 25.03 -6.80 -7.04
C SER B 133 24.06 -7.90 -7.43
N LEU B 134 24.46 -8.74 -8.38
CA LEU B 134 23.65 -9.91 -8.72
C LEU B 134 24.14 -11.12 -7.91
N TYR B 135 23.21 -11.82 -7.25
CA TYR B 135 23.52 -13.02 -6.47
C TYR B 135 22.70 -14.19 -6.98
N SER B 136 23.07 -15.40 -6.56
CA SER B 136 22.15 -16.53 -6.72
C SER B 136 22.23 -17.43 -5.49
N LEU B 137 21.08 -17.97 -5.11
CA LEU B 137 20.98 -18.87 -3.95
C LEU B 137 20.96 -20.30 -4.47
N PHE B 138 21.99 -21.07 -4.14
CA PHE B 138 22.08 -22.45 -4.61
C PHE B 138 21.16 -23.35 -3.79
N PRO B 139 20.85 -24.55 -4.31
CA PRO B 139 19.99 -25.47 -3.54
C PRO B 139 20.52 -25.82 -2.14
N ASP B 140 21.85 -25.79 -1.95
CA ASP B 140 22.43 -26.05 -0.64
C ASP B 140 22.42 -24.83 0.28
N HIS B 141 21.75 -23.77 -0.17
CA HIS B 141 21.59 -22.53 0.58
C HIS B 141 22.85 -21.68 0.64
N SER B 142 23.91 -22.09 -0.06
CA SER B 142 25.07 -21.22 -0.24
C SER B 142 24.69 -20.11 -1.22
N VAL B 143 25.44 -19.00 -1.20
CA VAL B 143 25.16 -17.86 -2.06
C VAL B 143 26.39 -17.48 -2.92
N LYS B 144 26.20 -17.38 -4.24
CA LYS B 144 27.26 -16.90 -5.12
C LYS B 144 27.01 -15.45 -5.55
N LYS B 145 28.05 -14.63 -5.48
CA LYS B 145 27.98 -13.26 -5.95
C LYS B 145 28.63 -13.16 -7.32
N TYR B 146 27.94 -12.56 -8.29
CA TYR B 146 28.41 -12.54 -9.69
C TYR B 146 29.13 -11.26 -10.12
N PHE B 147 28.51 -10.11 -9.85
CA PHE B 147 29.14 -8.83 -10.12
C PHE B 147 28.47 -7.76 -9.27
N ASP B 148 29.12 -6.61 -9.12
CA ASP B 148 28.59 -5.52 -8.31
C ASP B 148 28.42 -4.28 -9.21
N GLN B 149 28.29 -3.10 -8.59
CA GLN B 149 28.09 -1.84 -9.32
C GLN B 149 26.75 -1.77 -10.08
N VAL B 150 25.81 -2.64 -9.72
CA VAL B 150 24.48 -2.62 -10.33
C VAL B 150 23.73 -1.42 -9.79
N ASP B 151 23.00 -0.72 -10.66
CA ASP B 151 22.09 0.33 -10.20
C ASP B 151 20.78 -0.26 -9.68
N ILE B 152 20.03 -0.88 -10.57
CA ILE B 152 18.74 -1.49 -10.23
C ILE B 152 18.66 -2.83 -10.92
N SER B 153 18.89 -3.91 -10.18
CA SER B 153 18.88 -5.24 -10.76
C SER B 153 17.46 -5.56 -11.18
N ASN B 154 17.27 -5.95 -12.43
CA ASN B 154 15.91 -6.23 -12.85
C ASN B 154 15.73 -7.51 -13.64
N GLY B 155 14.96 -7.42 -14.73
CA GLY B 155 14.47 -8.60 -15.44
C GLY B 155 15.57 -9.54 -15.89
N LEU B 156 15.26 -10.82 -15.94
CA LEU B 156 16.28 -11.82 -16.23
C LEU B 156 15.62 -13.10 -16.70
N ASP B 157 16.29 -13.84 -17.59
CA ASP B 157 15.79 -15.16 -17.98
C ASP B 157 16.91 -15.95 -18.66
N TRP B 158 16.62 -17.17 -19.13
CA TRP B 158 17.66 -18.03 -19.72
C TRP B 158 17.25 -18.57 -21.09
N SER B 159 18.17 -18.61 -22.05
CA SER B 159 17.87 -19.18 -23.37
C SER B 159 17.33 -20.59 -23.24
N LEU B 160 16.59 -21.06 -24.24
CA LEU B 160 15.97 -22.40 -24.19
C LEU B 160 17.02 -23.53 -24.19
N ASP B 161 18.18 -23.27 -24.78
CA ASP B 161 19.25 -24.28 -24.79
C ASP B 161 20.11 -24.21 -23.54
N HIS B 162 19.72 -23.30 -22.63
CA HIS B 162 20.38 -23.19 -21.32
C HIS B 162 21.87 -22.82 -21.39
N LYS B 163 22.25 -22.08 -22.43
CA LYS B 163 23.63 -21.64 -22.58
C LYS B 163 23.79 -20.13 -22.49
N ILE B 164 22.66 -19.41 -22.49
CA ILE B 164 22.70 -17.95 -22.45
C ILE B 164 21.85 -17.44 -21.29
N PHE B 165 22.38 -16.44 -20.59
CA PHE B 165 21.66 -15.75 -19.52
C PHE B 165 21.41 -14.30 -19.95
N TYR B 166 20.15 -13.85 -19.90
CA TYR B 166 19.79 -12.47 -20.26
C TYR B 166 19.49 -11.66 -19.01
N TYR B 167 19.92 -10.40 -18.99
CA TYR B 167 19.91 -9.64 -17.77
C TYR B 167 19.71 -8.15 -18.01
N ILE B 168 18.89 -7.54 -17.16
CA ILE B 168 18.62 -6.12 -17.21
C ILE B 168 19.05 -5.43 -15.91
N ASP B 169 19.91 -4.42 -16.03
CA ASP B 169 20.09 -3.41 -14.98
C ASP B 169 19.35 -2.20 -15.54
N SER B 170 18.26 -1.83 -14.88
CA SER B 170 17.34 -0.83 -15.44
C SER B 170 18.05 0.44 -15.89
N LEU B 171 19.00 0.93 -15.10
CA LEU B 171 19.65 2.20 -15.40
C LEU B 171 20.82 2.07 -16.40
N SER B 172 21.01 0.88 -16.93
CA SER B 172 21.83 0.69 -18.12
C SER B 172 21.00 0.91 -19.38
N TYR B 173 19.67 0.81 -19.25
CA TYR B 173 18.72 0.97 -20.36
C TYR B 173 19.05 0.03 -21.53
N THR B 174 19.54 -1.15 -21.20
CA THR B 174 19.83 -2.17 -22.20
C THR B 174 19.40 -3.53 -21.70
N VAL B 175 19.23 -4.46 -22.63
CA VAL B 175 19.14 -5.86 -22.28
C VAL B 175 20.52 -6.47 -22.59
N ASP B 176 21.16 -7.05 -21.58
CA ASP B 176 22.48 -7.66 -21.76
C ASP B 176 22.38 -9.18 -21.83
N ALA B 177 23.45 -9.83 -22.32
CA ALA B 177 23.52 -11.29 -22.31
C ALA B 177 24.89 -11.76 -21.81
N PHE B 178 24.90 -12.93 -21.19
CA PHE B 178 26.12 -13.57 -20.69
C PHE B 178 26.12 -15.01 -21.20
N ASP B 179 27.31 -15.56 -21.42
CA ASP B 179 27.45 -17.01 -21.56
C ASP B 179 27.14 -17.64 -20.20
N TYR B 180 26.42 -18.76 -20.19
CA TYR B 180 25.96 -19.37 -18.94
C TYR B 180 26.19 -20.88 -18.92
N ASP B 181 26.76 -21.36 -17.82
CA ASP B 181 27.06 -22.78 -17.65
C ASP B 181 26.02 -23.39 -16.72
N LEU B 182 25.11 -24.16 -17.30
CA LEU B 182 24.03 -24.80 -16.54
C LEU B 182 24.57 -25.59 -15.35
N GLN B 183 25.66 -26.31 -15.58
CA GLN B 183 26.26 -27.17 -14.55
C GLN B 183 26.76 -26.44 -13.31
N THR B 184 27.33 -25.25 -13.49
CA THR B 184 27.94 -24.53 -12.38
C THR B 184 27.18 -23.26 -12.00
N GLY B 185 26.30 -22.80 -12.88
CA GLY B 185 25.63 -21.53 -12.66
C GLY B 185 26.53 -20.34 -12.93
N GLN B 186 27.68 -20.57 -13.56
CA GLN B 186 28.63 -19.50 -13.86
C GLN B 186 28.20 -18.70 -15.09
N ILE B 187 28.51 -17.41 -15.09
CA ILE B 187 28.18 -16.54 -16.23
C ILE B 187 29.42 -15.75 -16.63
N SER B 188 29.55 -15.44 -17.92
CA SER B 188 30.71 -14.71 -18.42
C SER B 188 30.44 -13.90 -19.70
N ASN B 189 31.38 -13.03 -20.04
CA ASN B 189 31.41 -12.35 -21.34
C ASN B 189 30.18 -11.48 -21.60
N ARG B 190 29.91 -10.58 -20.66
CA ARG B 190 28.77 -9.67 -20.75
C ARG B 190 28.80 -8.87 -22.05
N ARG B 191 27.67 -8.85 -22.74
CA ARG B 191 27.54 -8.05 -23.96
C ARG B 191 26.15 -7.41 -24.00
N ILE B 192 26.02 -6.29 -24.69
CA ILE B 192 24.71 -5.66 -24.83
C ILE B 192 24.00 -6.25 -26.03
N VAL B 193 22.74 -6.68 -25.83
CA VAL B 193 21.97 -7.30 -26.91
C VAL B 193 21.03 -6.30 -27.57
N TYR B 194 20.51 -5.39 -26.77
CA TYR B 194 19.52 -4.44 -27.27
C TYR B 194 19.61 -3.17 -26.45
N LYS B 195 19.60 -2.03 -27.15
CA LYS B 195 19.53 -0.72 -26.51
C LYS B 195 18.09 -0.21 -26.60
N MET B 196 17.46 0.08 -25.47
CA MET B 196 16.10 0.59 -25.45
C MET B 196 16.00 1.93 -26.16
N GLU B 197 14.96 2.10 -26.97
CA GLU B 197 14.73 3.38 -27.66
C GLU B 197 14.26 4.40 -26.65
N LYS B 198 14.30 5.68 -27.04
CA LYS B 198 13.90 6.77 -26.18
C LYS B 198 12.53 6.52 -25.57
N ASP B 199 11.55 6.19 -26.40
CA ASP B 199 10.18 6.02 -25.93
C ASP B 199 9.90 4.68 -25.27
N GLU B 200 10.85 3.75 -25.36
CA GLU B 200 10.73 2.48 -24.64
C GLU B 200 11.19 2.64 -23.20
N GLN B 201 11.83 3.77 -22.91
CA GLN B 201 12.10 4.16 -21.54
C GLN B 201 12.93 3.13 -20.74
N ILE B 202 12.46 2.74 -19.56
CA ILE B 202 13.27 1.94 -18.62
C ILE B 202 12.91 0.45 -18.68
N PRO B 203 13.85 -0.40 -19.14
CA PRO B 203 13.61 -1.84 -19.16
C PRO B 203 13.46 -2.35 -17.73
N ASP B 204 12.44 -3.16 -17.49
CA ASP B 204 12.12 -3.55 -16.11
C ASP B 204 12.12 -5.07 -16.07
N GLY B 205 10.95 -5.69 -15.98
CA GLY B 205 10.85 -7.15 -16.01
C GLY B 205 10.98 -7.74 -17.40
N MET B 206 11.22 -9.05 -17.48
CA MET B 206 11.49 -9.70 -18.76
C MET B 206 11.22 -11.18 -18.66
N CYS B 207 10.67 -11.78 -19.71
CA CYS B 207 10.55 -13.24 -19.79
C CYS B 207 10.78 -13.73 -21.22
N ILE B 208 11.24 -14.97 -21.34
CA ILE B 208 11.49 -15.54 -22.65
C ILE B 208 10.23 -16.28 -23.10
N ASP B 209 10.05 -16.44 -24.41
CA ASP B 209 8.95 -17.28 -24.92
C ASP B 209 9.45 -18.60 -25.52
N ALA B 210 8.53 -19.48 -25.90
CA ALA B 210 8.84 -20.82 -26.43
C ALA B 210 9.61 -20.79 -27.74
N GLU B 211 9.71 -19.61 -28.35
CA GLU B 211 10.47 -19.43 -29.59
C GLU B 211 11.79 -18.73 -29.28
N GLY B 212 12.10 -18.63 -27.99
CA GLY B 212 13.38 -18.08 -27.57
C GLY B 212 13.51 -16.56 -27.70
N LYS B 213 12.39 -15.88 -27.90
CA LYS B 213 12.40 -14.43 -28.01
C LYS B 213 12.12 -13.83 -26.63
N LEU B 214 12.53 -12.57 -26.43
CA LEU B 214 12.42 -11.94 -25.11
C LEU B 214 11.31 -10.90 -25.08
N TRP B 215 10.50 -10.94 -24.05
CA TRP B 215 9.44 -9.95 -23.83
C TRP B 215 9.83 -9.05 -22.66
N VAL B 216 9.95 -7.75 -22.90
CA VAL B 216 10.45 -6.83 -21.89
C VAL B 216 9.37 -5.78 -21.54
N ALA B 217 9.11 -5.61 -20.25
CA ALA B 217 8.21 -4.55 -19.79
C ALA B 217 8.96 -3.21 -19.71
N CYS B 218 8.37 -2.19 -20.32
CA CYS B 218 9.01 -0.90 -20.40
C CYS B 218 8.43 0.08 -19.37
N TYR B 219 9.16 0.28 -18.28
CA TYR B 219 8.68 1.14 -17.20
C TYR B 219 8.73 2.61 -17.64
N ASN B 220 7.58 3.29 -17.53
CA ASN B 220 7.36 4.63 -18.12
C ASN B 220 7.14 4.59 -19.63
N GLY B 221 7.22 3.41 -20.22
CA GLY B 221 7.00 3.25 -21.65
C GLY B 221 5.61 2.79 -22.03
N GLY B 222 4.80 2.41 -21.06
CA GLY B 222 3.43 2.00 -21.35
C GLY B 222 3.30 0.85 -22.35
N ARG B 223 4.20 -0.12 -22.29
CA ARG B 223 4.19 -1.18 -23.31
C ARG B 223 5.03 -2.38 -22.90
N VAL B 224 4.82 -3.51 -23.58
CA VAL B 224 5.81 -4.58 -23.59
C VAL B 224 6.34 -4.68 -25.01
N ILE B 225 7.59 -5.09 -25.16
CA ILE B 225 8.16 -5.26 -26.49
C ILE B 225 8.75 -6.65 -26.60
N ARG B 226 8.71 -7.20 -27.81
CA ARG B 226 9.29 -8.51 -28.09
C ARG B 226 10.57 -8.35 -28.89
N LEU B 227 11.68 -8.91 -28.38
CA LEU B 227 13.00 -8.76 -28.99
C LEU B 227 13.54 -10.08 -29.52
N ASP B 228 14.27 -10.04 -30.64
CA ASP B 228 15.02 -11.21 -31.10
C ASP B 228 16.48 -11.07 -30.62
N PRO B 229 16.89 -11.85 -29.61
CA PRO B 229 18.25 -11.69 -29.09
C PRO B 229 19.33 -12.08 -30.12
N GLU B 230 18.96 -12.94 -31.09
CA GLU B 230 19.90 -13.36 -32.12
C GLU B 230 20.25 -12.22 -33.07
N THR B 231 19.31 -11.31 -33.28
CA THR B 231 19.50 -10.24 -34.24
C THR B 231 19.64 -8.87 -33.59
N GLY B 232 19.20 -8.74 -32.34
CA GLY B 232 19.23 -7.45 -31.66
C GLY B 232 18.10 -6.52 -32.08
N LYS B 233 17.09 -7.06 -32.77
CA LYS B 233 15.99 -6.25 -33.30
C LYS B 233 14.65 -6.45 -32.58
N ARG B 234 13.86 -5.38 -32.45
CA ARG B 234 12.53 -5.51 -31.87
C ARG B 234 11.60 -6.14 -32.89
N LEU B 235 10.87 -7.17 -32.48
CA LEU B 235 9.90 -7.83 -33.35
C LEU B 235 8.50 -7.21 -33.29
N GLN B 236 8.14 -6.66 -32.13
CA GLN B 236 6.75 -6.33 -31.85
C GLN B 236 6.65 -5.42 -30.64
N THR B 237 5.61 -4.60 -30.62
CA THR B 237 5.27 -3.74 -29.48
C THR B 237 3.76 -3.85 -29.22
N VAL B 238 3.37 -4.04 -27.97
N VAL B 238 3.39 -4.02 -27.95
CA VAL B 238 1.97 -3.86 -27.64
CA VAL B 238 2.00 -3.95 -27.50
C VAL B 238 1.86 -2.88 -26.48
C VAL B 238 1.88 -2.85 -26.44
N LYS B 239 1.14 -1.79 -26.73
CA LYS B 239 1.00 -0.69 -25.78
C LYS B 239 -0.20 -0.92 -24.86
N LEU B 240 -0.12 -0.39 -23.65
CA LEU B 240 -1.15 -0.58 -22.63
C LEU B 240 -1.62 0.79 -22.14
N PRO B 241 -2.80 0.87 -21.50
CA PRO B 241 -3.33 2.15 -21.03
C PRO B 241 -2.73 2.59 -19.68
N VAL B 242 -1.60 1.98 -19.32
CA VAL B 242 -0.85 2.38 -18.12
C VAL B 242 0.63 2.56 -18.48
N ASP B 243 1.28 3.60 -17.96
CA ASP B 243 2.65 3.91 -18.36
C ASP B 243 3.71 3.10 -17.63
N LYS B 244 3.45 2.80 -16.37
CA LYS B 244 4.45 2.16 -15.52
C LYS B 244 4.30 0.64 -15.55
N THR B 245 4.41 0.08 -16.75
CA THR B 245 4.40 -1.37 -16.95
C THR B 245 5.68 -1.91 -16.32
N THR B 246 5.56 -2.90 -15.42
CA THR B 246 6.73 -3.32 -14.63
C THR B 246 7.30 -4.69 -15.02
N SER B 247 6.44 -5.67 -15.26
CA SER B 247 6.95 -7.00 -15.56
C SER B 247 5.90 -7.83 -16.26
N CYS B 248 6.30 -9.01 -16.73
CA CYS B 248 5.40 -9.87 -17.47
C CYS B 248 5.86 -11.32 -17.35
N CYS B 249 4.92 -12.23 -17.47
CA CYS B 249 5.21 -13.66 -17.53
C CYS B 249 4.06 -14.28 -18.29
N PHE B 250 4.26 -15.52 -18.75
CA PHE B 250 3.19 -16.26 -19.43
C PHE B 250 2.49 -17.22 -18.45
N GLY B 251 1.18 -17.39 -18.64
CA GLY B 251 0.42 -18.28 -17.81
C GLY B 251 -0.82 -18.77 -18.53
N GLY B 252 -1.81 -19.22 -17.77
CA GLY B 252 -2.99 -19.82 -18.35
C GLY B 252 -2.70 -21.18 -18.93
N LYS B 253 -3.73 -21.82 -19.48
CA LYS B 253 -3.59 -23.10 -20.16
C LYS B 253 -2.55 -23.04 -21.29
N ASP B 254 -1.56 -23.90 -21.19
CA ASP B 254 -0.49 -23.96 -22.20
C ASP B 254 0.39 -22.71 -22.26
N TYR B 255 0.35 -21.87 -21.24
CA TYR B 255 1.19 -20.67 -21.21
C TYR B 255 0.97 -19.77 -22.44
N SER B 256 -0.28 -19.66 -22.86
CA SER B 256 -0.62 -18.92 -24.07
C SER B 256 -1.11 -17.50 -23.77
N GLU B 257 -1.24 -17.18 -22.48
CA GLU B 257 -1.69 -15.85 -22.06
C GLU B 257 -0.55 -15.11 -21.32
N MET B 258 -0.47 -13.80 -21.52
N MET B 258 -0.42 -13.81 -21.56
CA MET B 258 0.55 -13.03 -20.84
CA MET B 258 0.60 -13.03 -20.87
C MET B 258 -0.05 -12.17 -19.74
C MET B 258 -0.04 -12.19 -19.75
N TYR B 259 0.54 -12.25 -18.55
CA TYR B 259 0.14 -11.40 -17.44
C TYR B 259 1.15 -10.25 -17.27
N VAL B 260 0.65 -9.03 -17.10
CA VAL B 260 1.50 -7.86 -17.02
C VAL B 260 1.20 -7.08 -15.75
N THR B 261 2.23 -6.79 -14.96
CA THR B 261 2.04 -6.02 -13.75
C THR B 261 2.40 -4.57 -14.03
N CYS B 262 1.87 -3.65 -13.22
CA CYS B 262 2.25 -2.26 -13.35
C CYS B 262 2.16 -1.54 -12.00
N ALA B 263 2.51 -0.26 -12.00
CA ALA B 263 2.67 0.53 -10.79
C ALA B 263 1.90 1.83 -10.88
N ARG B 264 1.58 2.42 -9.73
CA ARG B 264 1.02 3.77 -9.68
C ARG B 264 1.93 4.73 -8.94
N ASP B 265 2.87 4.20 -8.15
CA ASP B 265 3.85 5.05 -7.46
C ASP B 265 4.58 5.99 -8.42
N GLY B 266 4.61 7.28 -8.09
CA GLY B 266 5.30 8.25 -8.92
C GLY B 266 4.36 9.07 -9.79
N LEU B 267 3.14 8.60 -9.98
N LEU B 267 3.14 8.59 -9.98
CA LEU B 267 2.12 9.32 -10.74
CA LEU B 267 2.14 9.33 -10.77
C LEU B 267 1.54 10.48 -9.92
C LEU B 267 1.54 10.48 -9.94
N ASN B 268 1.52 11.68 -10.51
CA ASN B 268 0.80 12.80 -9.87
C ASN B 268 -0.70 12.68 -10.11
N ALA B 269 -1.52 13.56 -9.54
CA ALA B 269 -2.96 13.44 -9.70
C ALA B 269 -3.41 13.31 -11.17
N GLU B 270 -2.75 14.05 -12.05
CA GLU B 270 -3.11 14.06 -13.46
C GLU B 270 -2.81 12.72 -14.12
N GLY B 271 -1.63 12.18 -13.80
CA GLY B 271 -1.26 10.86 -14.27
C GLY B 271 -2.22 9.80 -13.78
N LEU B 272 -2.63 9.89 -12.51
CA LEU B 272 -3.59 8.92 -11.98
C LEU B 272 -4.94 9.02 -12.67
N LEU B 273 -5.34 10.24 -13.03
CA LEU B 273 -6.62 10.47 -13.70
C LEU B 273 -6.62 9.87 -15.11
N ARG B 274 -5.51 10.05 -15.85
CA ARG B 274 -5.40 9.50 -17.20
C ARG B 274 -5.28 7.98 -17.23
N GLN B 275 -4.85 7.41 -16.10
CA GLN B 275 -4.56 5.97 -16.03
C GLN B 275 -5.32 5.33 -14.88
N PRO B 276 -6.65 5.24 -14.98
CA PRO B 276 -7.41 4.68 -13.87
C PRO B 276 -7.03 3.24 -13.52
N ASP B 277 -6.38 2.52 -14.43
CA ASP B 277 -5.96 1.15 -14.11
C ASP B 277 -4.54 1.03 -13.53
N ALA B 278 -3.89 2.17 -13.23
CA ALA B 278 -2.54 2.17 -12.70
C ALA B 278 -2.47 1.28 -11.45
N GLY B 279 -1.51 0.36 -11.43
CA GLY B 279 -1.39 -0.60 -10.35
C GLY B 279 -2.16 -1.91 -10.52
N ASN B 280 -2.97 -2.04 -11.56
CA ASN B 280 -3.70 -3.29 -11.76
C ASN B 280 -2.95 -4.38 -12.53
N ILE B 281 -3.51 -5.59 -12.58
CA ILE B 281 -2.93 -6.67 -13.37
C ILE B 281 -3.66 -6.77 -14.71
N PHE B 282 -2.89 -6.82 -15.80
CA PHE B 282 -3.48 -6.93 -17.14
C PHE B 282 -3.22 -8.32 -17.71
N LYS B 283 -4.05 -8.73 -18.67
CA LYS B 283 -3.78 -9.97 -19.38
C LYS B 283 -3.82 -9.73 -20.89
N ILE B 284 -2.82 -10.23 -21.60
CA ILE B 284 -2.73 -10.09 -23.04
C ILE B 284 -2.97 -11.47 -23.69
N THR B 285 -4.01 -11.56 -24.53
CA THR B 285 -4.32 -12.78 -25.27
C THR B 285 -4.16 -12.57 -26.78
N GLY B 286 -3.94 -13.66 -27.52
CA GLY B 286 -3.82 -13.61 -28.97
C GLY B 286 -2.45 -13.20 -29.50
N LEU B 287 -1.43 -13.32 -28.66
CA LEU B 287 -0.07 -12.96 -29.07
C LEU B 287 0.48 -13.93 -30.11
N GLY B 288 -0.09 -15.14 -30.14
CA GLY B 288 0.29 -16.14 -31.13
C GLY B 288 1.58 -16.87 -30.81
N VAL B 289 2.06 -16.76 -29.58
CA VAL B 289 3.21 -17.54 -29.11
C VAL B 289 2.94 -17.98 -27.68
N LYS B 290 3.57 -19.05 -27.24
CA LYS B 290 3.48 -19.45 -25.84
C LYS B 290 4.76 -19.11 -25.09
N GLY B 291 4.64 -19.02 -23.76
CA GLY B 291 5.81 -18.88 -22.93
C GLY B 291 6.16 -20.26 -22.41
N ILE B 292 7.00 -20.33 -21.39
CA ILE B 292 7.37 -21.61 -20.78
C ILE B 292 7.09 -21.60 -19.28
N ALA B 293 7.11 -22.77 -18.65
CA ALA B 293 6.86 -22.87 -17.22
C ALA B 293 8.00 -22.24 -16.41
N PRO B 294 7.67 -21.68 -15.24
CA PRO B 294 8.71 -21.22 -14.31
C PRO B 294 9.42 -22.41 -13.65
N TYR B 295 10.70 -22.29 -13.33
CA TYR B 295 11.40 -23.34 -12.60
C TYR B 295 11.18 -23.13 -11.09
N SER B 296 11.18 -24.21 -10.31
CA SER B 296 11.09 -24.12 -8.85
C SER B 296 12.46 -24.18 -8.20
N TYR B 297 12.63 -23.42 -7.12
CA TYR B 297 13.86 -23.48 -6.34
C TYR B 297 14.00 -24.89 -5.75
N ALA B 298 15.19 -25.46 -5.89
CA ALA B 298 15.42 -26.86 -5.50
C ALA B 298 16.00 -27.04 -4.08
N GLY B 299 15.98 -25.98 -3.29
CA GLY B 299 16.44 -26.05 -1.91
C GLY B 299 15.32 -25.79 -0.90
CA CA C . -5.35 8.95 13.74
S SO4 D . 6.46 4.16 2.04
O1 SO4 D . 7.36 3.79 0.94
O2 SO4 D . 5.14 3.58 1.75
O3 SO4 D . 6.91 3.63 3.31
O4 SO4 D . 6.37 5.62 2.14
S SO4 E . -12.69 -0.64 32.71
O1 SO4 E . -11.71 -1.54 32.12
O2 SO4 E . -12.86 0.54 31.86
O3 SO4 E . -13.99 -1.33 32.82
O4 SO4 E . -12.22 -0.21 34.03
C2 BGC F . -1.23 8.72 12.48
C3 BGC F . 0.04 7.90 12.66
C4 BGC F . 0.41 7.94 14.15
C5 BGC F . -0.74 7.38 14.96
C6 BGC F . -0.41 7.47 16.44
C1 BGC F . -2.33 8.12 13.31
O1 BGC F . -3.44 9.01 13.26
O2 BGC F . -1.62 8.70 11.11
O3 BGC F . 1.09 8.50 11.90
O4 BGC F . 1.62 7.18 14.41
O5 BGC F . -1.94 8.14 14.67
O6 BGC F . -0.16 8.86 16.77
C2 BGC G . -23.30 9.75 -3.36
C3 BGC G . -22.24 8.70 -3.69
C4 BGC G . -21.58 9.08 -5.03
C5 BGC G . -20.93 10.44 -4.90
C6 BGC G . -20.24 10.74 -6.26
C1 BGC G . -22.60 11.12 -3.27
O1 BGC G . -23.55 12.16 -2.92
O2 BGC G . -23.95 9.41 -2.12
O3 BGC G . -22.81 7.38 -3.76
O4 BGC G . -20.58 8.08 -5.32
O5 BGC G . -21.96 11.44 -4.54
O6 BGC G . -19.50 11.98 -6.45
C2 BGC H . 0.03 28.53 6.92
C3 BGC H . 0.85 28.67 5.64
C4 BGC H . 1.31 30.14 5.51
C5 BGC H . 2.19 30.48 6.74
C6 BGC H . 2.69 31.93 6.63
C1 BGC H . 0.94 28.92 8.10
O1 BGC H . 0.27 28.70 9.34
O2 BGC H . -0.50 27.22 7.04
O3 BGC H . 0.16 28.15 4.47
O4 BGC H . 2.09 30.28 4.31
O5 BGC H . 1.42 30.30 7.97
O6 BGC H . 3.54 32.25 7.75
CA CA I . 11.12 -4.90 -11.54
S SO4 J . 24.41 -26.71 -8.02
O1 SO4 J . 23.84 -28.04 -8.22
O2 SO4 J . 23.29 -25.76 -7.99
O3 SO4 J . 25.13 -26.68 -6.76
O4 SO4 J . 25.32 -26.36 -9.10
S SO4 K . 8.59 9.32 -12.86
O1 SO4 K . 9.38 8.15 -13.26
O2 SO4 K . 8.47 10.24 -14.00
O3 SO4 K . 7.25 8.92 -12.41
O4 SO4 K . 9.24 10.03 -11.74
S SO4 L . 7.06 -2.30 -33.82
O1 SO4 L . 8.29 -1.97 -34.55
O2 SO4 L . 6.21 -3.18 -34.63
O3 SO4 L . 7.41 -2.97 -32.59
O4 SO4 L . 6.36 -1.05 -33.52
S SO4 M . 6.16 4.27 -31.18
O1 SO4 M . 7.31 4.06 -30.28
O2 SO4 M . 6.62 4.81 -32.46
O3 SO4 M . 5.47 3.01 -31.45
O4 SO4 M . 5.25 5.19 -30.53
C2 BGC N . 11.78 -1.38 -9.07
C3 BGC N . 11.40 0.09 -8.95
C4 BGC N . 11.96 0.85 -10.16
C5 BGC N . 11.37 0.23 -11.42
C6 BGC N . 11.95 0.92 -12.66
C1 BGC N . 11.19 -1.93 -10.35
O1 BGC N . 11.54 -3.30 -10.50
O2 BGC N . 11.28 -2.12 -7.94
O3 BGC N . 11.94 0.61 -7.74
O4 BGC N . 11.63 2.27 -10.12
O5 BGC N . 11.70 -1.19 -11.47
O6 BGC N . 13.38 0.75 -12.72
C2 BGC O . 1.79 -24.51 -1.40
C3 BGC O . 0.27 -24.39 -1.29
C4 BGC O . -0.30 -24.27 -2.71
C5 BGC O . 0.12 -25.52 -3.52
C6 BGC O . -0.41 -25.42 -4.97
C1 BGC O . 2.12 -25.76 -2.21
O1 BGC O . 3.55 -25.88 -2.38
O2 BGC O . 2.34 -24.62 -0.08
O3 BGC O . -0.09 -23.23 -0.50
O4 BGC O . -1.73 -24.16 -2.64
O5 BGC O . 1.56 -25.65 -3.54
O6 BGC O . -1.85 -25.38 -4.98
C2 BGC P . 6.00 -26.80 5.06
C3 BGC P . 5.16 -26.60 3.81
C4 BGC P . 5.38 -25.14 3.41
C5 BGC P . 6.89 -24.97 3.09
C6 BGC P . 7.21 -23.55 2.68
C1 BGC P . 7.45 -26.52 4.72
O1 BGC P . 8.12 -26.14 5.93
O2 BGC P . 5.85 -28.16 5.46
O3 BGC P . 3.76 -26.89 4.03
O4 BGC P . 4.64 -24.83 2.25
O5 BGC P . 7.65 -25.19 4.26
O6 BGC P . 8.62 -23.48 2.39
C2 BGC Q . 0.18 10.18 -22.53
C3 BGC Q . 0.29 9.68 -21.11
C4 BGC Q . -0.92 8.82 -20.83
C5 BGC Q . -0.98 7.64 -21.84
C6 BGC Q . -2.22 6.74 -21.65
C1 BGC Q . 0.14 9.01 -23.46
O1 BGC Q . -0.16 9.52 -24.73
O2 BGC Q . 1.33 11.00 -22.87
O3 BGC Q . 0.28 10.82 -20.23
O4 BGC Q . -0.88 8.31 -19.49
O5 BGC Q . -1.00 8.16 -23.18
O6 BGC Q . -3.45 7.48 -21.85
C2 BGC R . 22.54 -14.48 -27.81
C3 BGC R . 23.98 -13.99 -28.04
C4 BGC R . 24.91 -15.21 -28.04
C5 BGC R . 24.44 -16.22 -29.13
C6 BGC R . 25.29 -17.51 -29.11
C1 BGC R . 22.14 -15.43 -28.93
O1 BGC R . 20.80 -15.92 -28.69
O2 BGC R . 21.64 -13.38 -27.77
O3 BGC R . 24.38 -13.03 -27.03
O4 BGC R . 26.28 -14.82 -28.25
O5 BGC R . 23.05 -16.57 -28.93
O6 BGC R . 26.68 -17.23 -29.35
#